data_1D11
# 
_entry.id   1D11 
# 
_audit_conform.dict_name       mmcif_pdbx.dic 
_audit_conform.dict_version    5.385 
_audit_conform.dict_location   http://mmcif.pdb.org/dictionaries/ascii/mmcif_pdbx.dic 
# 
loop_
_database_2.database_id 
_database_2.database_code 
_database_2.pdbx_database_accession 
_database_2.pdbx_DOI 
PDB   1D11         pdb_00001d11 10.2210/pdb1d11/pdb 
RCSB  DDF001       ?            ?                   
WWPDB D_1000172616 ?            ?                   
# 
loop_
_pdbx_audit_revision_history.ordinal 
_pdbx_audit_revision_history.data_content_type 
_pdbx_audit_revision_history.major_revision 
_pdbx_audit_revision_history.minor_revision 
_pdbx_audit_revision_history.revision_date 
1 'Structure model' 1 0 1990-10-15 
2 'Structure model' 1 1 2008-05-22 
3 'Structure model' 1 2 2011-07-13 
4 'Structure model' 1 3 2017-02-15 
5 'Structure model' 1 4 2024-02-07 
# 
_pdbx_audit_revision_details.ordinal             1 
_pdbx_audit_revision_details.revision_ordinal    1 
_pdbx_audit_revision_details.data_content_type   'Structure model' 
_pdbx_audit_revision_details.provider            repository 
_pdbx_audit_revision_details.type                'Initial release' 
_pdbx_audit_revision_details.description         ? 
_pdbx_audit_revision_details.details             ? 
# 
loop_
_pdbx_audit_revision_group.ordinal 
_pdbx_audit_revision_group.revision_ordinal 
_pdbx_audit_revision_group.data_content_type 
_pdbx_audit_revision_group.group 
1 2 'Structure model' 'Version format compliance' 
2 3 'Structure model' 'Version format compliance' 
3 4 'Structure model' 'Structure summary'         
4 5 'Structure model' 'Data collection'           
5 5 'Structure model' 'Database references'       
6 5 'Structure model' 'Derived calculations'      
# 
loop_
_pdbx_audit_revision_category.ordinal 
_pdbx_audit_revision_category.revision_ordinal 
_pdbx_audit_revision_category.data_content_type 
_pdbx_audit_revision_category.category 
1 5 'Structure model' chem_comp_atom         
2 5 'Structure model' chem_comp_bond         
3 5 'Structure model' database_2             
4 5 'Structure model' pdbx_struct_conn_angle 
5 5 'Structure model' struct_conn            
6 5 'Structure model' struct_site            
# 
loop_
_pdbx_audit_revision_item.ordinal 
_pdbx_audit_revision_item.revision_ordinal 
_pdbx_audit_revision_item.data_content_type 
_pdbx_audit_revision_item.item 
1  5 'Structure model' '_database_2.pdbx_DOI'                      
2  5 'Structure model' '_database_2.pdbx_database_accession'       
3  5 'Structure model' '_pdbx_struct_conn_angle.ptnr1_auth_seq_id' 
4  5 'Structure model' '_pdbx_struct_conn_angle.ptnr3_auth_seq_id' 
5  5 'Structure model' '_pdbx_struct_conn_angle.value'             
6  5 'Structure model' '_struct_conn.pdbx_dist_value'              
7  5 'Structure model' '_struct_conn.ptnr2_auth_seq_id'            
8  5 'Structure model' '_struct_site.pdbx_auth_asym_id'            
9  5 'Structure model' '_struct_site.pdbx_auth_comp_id'            
10 5 'Structure model' '_struct_site.pdbx_auth_seq_id'             
# 
_pdbx_database_status.status_code                     REL 
_pdbx_database_status.entry_id                        1D11 
_pdbx_database_status.recvd_initial_deposition_date   1989-10-20 
_pdbx_database_status.deposit_site                    BNL 
_pdbx_database_status.process_site                    BNL 
_pdbx_database_status.SG_entry                        . 
_pdbx_database_status.status_code_sf                  ? 
_pdbx_database_status.status_code_mr                  ? 
_pdbx_database_status.status_code_cs                  ? 
_pdbx_database_status.methods_development_category    ? 
_pdbx_database_status.pdb_format_compatible           Y 
_pdbx_database_status.status_code_nmr_data            ? 
# 
loop_
_audit_author.name 
_audit_author.pdbx_ordinal 
'Wang, A.H.-J.' 1 
'Ughetto, G.'   2 
'Quigley, G.J.' 3 
'Rich, A.'      4 
# 
_citation.id                        primary 
_citation.title                     
;Interactions between an anthracycline antibiotic and DNA: molecular structure of daunomycin complexed to d(CpGpTpApCpG) at 1.2-A resolution.
;
_citation.journal_abbrev            Biochemistry 
_citation.journal_volume            26 
_citation.page_first                1152 
_citation.page_last                 1163 
_citation.year                      1987 
_citation.journal_id_ASTM           BICHAW 
_citation.country                   US 
_citation.journal_id_ISSN           0006-2960 
_citation.journal_id_CSD            0033 
_citation.book_publisher            ? 
_citation.pdbx_database_id_PubMed   3567161 
_citation.pdbx_database_id_DOI      10.1021/bi00378a025 
# 
loop_
_citation_author.citation_id 
_citation_author.name 
_citation_author.ordinal 
_citation_author.identifier_ORCID 
primary 'Wang, A.H.'    1 ? 
primary 'Ughetto, G.'   2 ? 
primary 'Quigley, G.J.' 3 ? 
primary 'Rich, A.'      4 ? 
# 
loop_
_entity.id 
_entity.type 
_entity.src_method 
_entity.pdbx_description 
_entity.formula_weight 
_entity.pdbx_number_of_molecules 
_entity.pdbx_ec 
_entity.pdbx_mutation 
_entity.pdbx_fragment 
_entity.details 
1 polymer     syn 
;DNA (5'-D(*CP*GP*TP*AP*CP*G)-3')
;
1809.217 1  ? ? ? ? 
2 non-polymer syn DAUNOMYCIN                         527.520  1  ? ? ? ? 
3 non-polymer syn 'SODIUM ION'                       22.990   1  ? ? ? ? 
4 water       nat water                              18.015   84 ? ? ? ? 
# 
_entity_poly.entity_id                      1 
_entity_poly.type                           polydeoxyribonucleotide 
_entity_poly.nstd_linkage                   no 
_entity_poly.nstd_monomer                   no 
_entity_poly.pdbx_seq_one_letter_code       '(DC)(DG)(DT)(DA)(DC)(DG)' 
_entity_poly.pdbx_seq_one_letter_code_can   CGTACG 
_entity_poly.pdbx_strand_id                 A 
_entity_poly.pdbx_target_identifier         ? 
# 
loop_
_pdbx_entity_nonpoly.entity_id 
_pdbx_entity_nonpoly.name 
_pdbx_entity_nonpoly.comp_id 
2 DAUNOMYCIN   DM1 
3 'SODIUM ION' NA  
4 water        HOH 
# 
loop_
_entity_poly_seq.entity_id 
_entity_poly_seq.num 
_entity_poly_seq.mon_id 
_entity_poly_seq.hetero 
1 1 DC n 
1 2 DG n 
1 3 DT n 
1 4 DA n 
1 5 DC n 
1 6 DG n 
# 
loop_
_chem_comp.id 
_chem_comp.type 
_chem_comp.mon_nstd_flag 
_chem_comp.name 
_chem_comp.pdbx_synonyms 
_chem_comp.formula 
_chem_comp.formula_weight 
DA  'DNA linking' y "2'-DEOXYADENOSINE-5'-MONOPHOSPHATE" ?            'C10 H14 N5 O6 P' 331.222 
DC  'DNA linking' y "2'-DEOXYCYTIDINE-5'-MONOPHOSPHATE"  ?            'C9 H14 N3 O7 P'  307.197 
DG  'DNA linking' y "2'-DEOXYGUANOSINE-5'-MONOPHOSPHATE" ?            'C10 H14 N5 O7 P' 347.221 
DM1 non-polymer   . DAUNOMYCIN                           DAUNORUBICIN 'C27 H29 N O10'   527.520 
DT  'DNA linking' y "THYMIDINE-5'-MONOPHOSPHATE"         ?            'C10 H15 N2 O8 P' 322.208 
HOH non-polymer   . WATER                                ?            'H2 O'            18.015  
NA  non-polymer   . 'SODIUM ION'                         ?            'Na 1'            22.990  
# 
loop_
_pdbx_poly_seq_scheme.asym_id 
_pdbx_poly_seq_scheme.entity_id 
_pdbx_poly_seq_scheme.seq_id 
_pdbx_poly_seq_scheme.mon_id 
_pdbx_poly_seq_scheme.ndb_seq_num 
_pdbx_poly_seq_scheme.pdb_seq_num 
_pdbx_poly_seq_scheme.auth_seq_num 
_pdbx_poly_seq_scheme.pdb_mon_id 
_pdbx_poly_seq_scheme.auth_mon_id 
_pdbx_poly_seq_scheme.pdb_strand_id 
_pdbx_poly_seq_scheme.pdb_ins_code 
_pdbx_poly_seq_scheme.hetero 
A 1 1 DC 1 1 1 DC C A . n 
A 1 2 DG 2 2 2 DG G A . n 
A 1 3 DT 3 3 3 DT T A . n 
A 1 4 DA 4 4 4 DA A A . n 
A 1 5 DC 5 5 5 DC C A . n 
A 1 6 DG 6 6 6 DG G A . n 
# 
loop_
_pdbx_nonpoly_scheme.asym_id 
_pdbx_nonpoly_scheme.entity_id 
_pdbx_nonpoly_scheme.mon_id 
_pdbx_nonpoly_scheme.ndb_seq_num 
_pdbx_nonpoly_scheme.pdb_seq_num 
_pdbx_nonpoly_scheme.auth_seq_num 
_pdbx_nonpoly_scheme.pdb_mon_id 
_pdbx_nonpoly_scheme.auth_mon_id 
_pdbx_nonpoly_scheme.pdb_strand_id 
_pdbx_nonpoly_scheme.pdb_ins_code 
B 2 DM1 1  7  7  DM1 DM1 A . 
C 3 NA  1  8  8  NA  NA  A . 
D 4 HOH 1  9  9  HOH HOH A . 
D 4 HOH 2  10 10 HOH HOH A . 
D 4 HOH 3  11 11 HOH HOH A . 
D 4 HOH 4  12 12 HOH HOH A . 
D 4 HOH 5  13 13 HOH HOH A . 
D 4 HOH 6  14 14 HOH HOH A . 
D 4 HOH 7  15 15 HOH HOH A . 
D 4 HOH 8  16 16 HOH HOH A . 
D 4 HOH 9  17 17 HOH HOH A . 
D 4 HOH 10 18 18 HOH HOH A . 
D 4 HOH 11 19 19 HOH HOH A . 
D 4 HOH 12 20 20 HOH HOH A . 
D 4 HOH 13 21 21 HOH HOH A . 
D 4 HOH 14 22 22 HOH HOH A . 
D 4 HOH 15 23 23 HOH HOH A . 
D 4 HOH 16 24 24 HOH HOH A . 
D 4 HOH 17 25 25 HOH HOH A . 
D 4 HOH 18 26 26 HOH HOH A . 
D 4 HOH 19 27 27 HOH HOH A . 
D 4 HOH 20 28 28 HOH HOH A . 
D 4 HOH 21 29 29 HOH HOH A . 
D 4 HOH 22 30 30 HOH HOH A . 
D 4 HOH 23 31 31 HOH HOH A . 
D 4 HOH 24 32 32 HOH HOH A . 
D 4 HOH 25 33 33 HOH HOH A . 
D 4 HOH 26 34 34 HOH HOH A . 
D 4 HOH 27 35 35 HOH HOH A . 
D 4 HOH 28 36 36 HOH HOH A . 
D 4 HOH 29 37 37 HOH HOH A . 
D 4 HOH 30 38 38 HOH HOH A . 
D 4 HOH 31 39 39 HOH HOH A . 
D 4 HOH 32 40 40 HOH HOH A . 
D 4 HOH 33 41 41 HOH HOH A . 
D 4 HOH 34 42 42 HOH HOH A . 
D 4 HOH 35 43 43 HOH HOH A . 
D 4 HOH 36 44 44 HOH HOH A . 
D 4 HOH 37 45 45 HOH HOH A . 
D 4 HOH 38 46 46 HOH HOH A . 
D 4 HOH 39 47 47 HOH HOH A . 
D 4 HOH 40 48 48 HOH HOH A . 
D 4 HOH 41 49 49 HOH HOH A . 
D 4 HOH 42 50 50 HOH HOH A . 
D 4 HOH 43 51 51 HOH HOH A . 
D 4 HOH 44 52 52 HOH HOH A . 
D 4 HOH 45 53 53 HOH HOH A . 
D 4 HOH 46 54 54 HOH HOH A . 
D 4 HOH 47 55 55 HOH HOH A . 
D 4 HOH 48 56 56 HOH HOH A . 
D 4 HOH 49 57 57 HOH HOH A . 
D 4 HOH 50 58 58 HOH HOH A . 
D 4 HOH 51 59 59 HOH HOH A . 
D 4 HOH 52 60 60 HOH HOH A . 
D 4 HOH 53 61 61 HOH HOH A . 
D 4 HOH 54 62 62 HOH HOH A . 
D 4 HOH 55 63 63 HOH HOH A . 
D 4 HOH 56 64 64 HOH HOH A . 
D 4 HOH 57 65 65 HOH HOH A . 
D 4 HOH 58 66 66 HOH HOH A . 
D 4 HOH 59 67 67 HOH HOH A . 
D 4 HOH 60 68 68 HOH HOH A . 
D 4 HOH 61 69 69 HOH HOH A . 
D 4 HOH 62 70 70 HOH HOH A . 
D 4 HOH 63 71 71 HOH HOH A . 
D 4 HOH 64 72 72 HOH HOH A . 
D 4 HOH 65 73 73 HOH HOH A . 
D 4 HOH 66 74 74 HOH HOH A . 
D 4 HOH 67 75 75 HOH HOH A . 
D 4 HOH 68 76 76 HOH HOH A . 
D 4 HOH 69 77 77 HOH HOH A . 
D 4 HOH 70 78 78 HOH HOH A . 
D 4 HOH 71 79 79 HOH HOH A . 
D 4 HOH 72 80 80 HOH HOH A . 
D 4 HOH 73 81 81 HOH HOH A . 
D 4 HOH 74 82 82 HOH HOH A . 
D 4 HOH 75 83 83 HOH HOH A . 
D 4 HOH 76 84 84 HOH HOH A . 
D 4 HOH 77 85 85 HOH HOH A . 
D 4 HOH 78 86 86 HOH HOH A . 
D 4 HOH 79 87 87 HOH HOH A . 
D 4 HOH 80 88 88 HOH HOH A . 
D 4 HOH 81 89 89 HOH HOH A . 
D 4 HOH 82 90 90 HOH HOH A . 
D 4 HOH 83 91 91 HOH HOH A . 
D 4 HOH 84 92 92 HOH HOH A . 
# 
_software.name             NUCLSQ 
_software.classification   refinement 
_software.version          . 
_software.citation_id      ? 
_software.pdbx_ordinal     1 
# 
_cell.entry_id           1D11 
_cell.length_a           27.860 
_cell.length_b           27.860 
_cell.length_c           52.720 
_cell.angle_alpha        90.00 
_cell.angle_beta         90.00 
_cell.angle_gamma        90.00 
_cell.Z_PDB              8 
_cell.pdbx_unique_axis   ? 
_cell.length_a_esd       ? 
_cell.length_b_esd       ? 
_cell.length_c_esd       ? 
_cell.angle_alpha_esd    ? 
_cell.angle_beta_esd     ? 
_cell.angle_gamma_esd    ? 
# 
_symmetry.entry_id                         1D11 
_symmetry.space_group_name_H-M             'P 41 21 2' 
_symmetry.pdbx_full_space_group_name_H-M   ? 
_symmetry.cell_setting                     ? 
_symmetry.Int_Tables_number                92 
_symmetry.space_group_name_Hall            ? 
# 
_exptl.entry_id          1D11 
_exptl.method            'X-RAY DIFFRACTION' 
_exptl.crystals_number   ? 
# 
_exptl_crystal.id                    1 
_exptl_crystal.density_meas          ? 
_exptl_crystal.density_percent_sol   56.49 
_exptl_crystal.density_Matthews      2.83 
_exptl_crystal.description           ? 
_exptl_crystal.F_000                 ? 
_exptl_crystal.preparation           ? 
# 
_exptl_crystal_grow.crystal_id      1 
_exptl_crystal_grow.method          'VAPOR DIFFUSION' 
_exptl_crystal_grow.temp            ? 
_exptl_crystal_grow.temp_details    ? 
_exptl_crystal_grow.pH              6.50 
_exptl_crystal_grow.pdbx_details    'pH 6.50, VAPOR DIFFUSION' 
_exptl_crystal_grow.pdbx_pH_range   ? 
# 
loop_
_exptl_crystal_grow_comp.crystal_id 
_exptl_crystal_grow_comp.id 
_exptl_crystal_grow_comp.sol_id 
_exptl_crystal_grow_comp.name 
_exptl_crystal_grow_comp.volume 
_exptl_crystal_grow_comp.conc 
_exptl_crystal_grow_comp.details 
1 1 1 WATER           ? ? ? 
1 2 1 MPD             ? ? ? 
1 3 1 MGCL2           ? ? ? 
1 4 1 SPERMINE        ? ? ? 
1 5 1 'NA CACODYLATE' ? ? ? 
1 6 2 WATER           ? ? ? 
1 7 2 MPD             ? ? ? 
# 
_diffrn.id                     1 
_diffrn.ambient_temp           288.00 
_diffrn.ambient_temp_details   ? 
_diffrn.crystal_id             1 
# 
_diffrn_detector.diffrn_id              1 
_diffrn_detector.detector               DIFFRACTOMETER 
_diffrn_detector.type                   'NICOLET P3X' 
_diffrn_detector.pdbx_collection_date   ? 
_diffrn_detector.details                ? 
# 
_diffrn_radiation.diffrn_id                        1 
_diffrn_radiation.wavelength_id                    1 
_diffrn_radiation.pdbx_monochromatic_or_laue_m_l   ? 
_diffrn_radiation.monochromator                    ? 
_diffrn_radiation.pdbx_diffrn_protocol             ? 
_diffrn_radiation.pdbx_scattering_type             x-ray 
# 
_diffrn_radiation_wavelength.id           1 
_diffrn_radiation_wavelength.wavelength   . 
_diffrn_radiation_wavelength.wt           1.0 
# 
_diffrn_source.diffrn_id                   1 
_diffrn_source.source                      ? 
_diffrn_source.type                        ? 
_diffrn_source.pdbx_synchrotron_site       ? 
_diffrn_source.pdbx_synchrotron_beamline   ? 
_diffrn_source.pdbx_wavelength             ? 
_diffrn_source.pdbx_wavelength_list        ? 
# 
_reflns.entry_id                     1D11 
_reflns.observed_criterion_sigma_I   ? 
_reflns.observed_criterion_sigma_F   2.000 
_reflns.d_resolution_low             ? 
_reflns.d_resolution_high            1.200 
_reflns.number_obs                   9238 
_reflns.number_all                   13258 
_reflns.percent_possible_obs         ? 
_reflns.pdbx_Rmerge_I_obs            ? 
_reflns.pdbx_Rsym_value              ? 
_reflns.pdbx_netI_over_sigmaI        ? 
_reflns.B_iso_Wilson_estimate        ? 
_reflns.pdbx_redundancy              ? 
_reflns.R_free_details               ? 
_reflns.pdbx_chi_squared             ? 
_reflns.pdbx_scaling_rejects         ? 
_reflns.pdbx_ordinal                 1 
_reflns.pdbx_diffrn_id               1 
# 
_refine.entry_id                                 1D11 
_refine.ls_number_reflns_obs                     5133 
_refine.ls_number_reflns_all                     ? 
_refine.pdbx_ls_sigma_I                          ? 
_refine.pdbx_ls_sigma_F                          3.000 
_refine.pdbx_data_cutoff_high_absF               ? 
_refine.pdbx_data_cutoff_low_absF                ? 
_refine.pdbx_data_cutoff_high_rms_absF           ? 
_refine.ls_d_res_low                             10.000 
_refine.ls_d_res_high                            1.180 
_refine.ls_percent_reflns_obs                    ? 
_refine.ls_R_factor_obs                          0.1750000 
_refine.ls_R_factor_all                          ? 
_refine.ls_R_factor_R_work                       ? 
_refine.ls_R_factor_R_free                       ? 
_refine.ls_R_factor_R_free_error                 ? 
_refine.ls_R_factor_R_free_error_details         ? 
_refine.ls_percent_reflns_R_free                 ? 
_refine.ls_number_reflns_R_free                  ? 
_refine.ls_number_parameters                     ? 
_refine.ls_number_restraints                     ? 
_refine.occupancy_min                            ? 
_refine.occupancy_max                            ? 
_refine.B_iso_mean                               ? 
_refine.aniso_B[1][1]                            ? 
_refine.aniso_B[2][2]                            ? 
_refine.aniso_B[3][3]                            ? 
_refine.aniso_B[1][2]                            ? 
_refine.aniso_B[1][3]                            ? 
_refine.aniso_B[2][3]                            ? 
_refine.solvent_model_details                    ? 
_refine.solvent_model_param_ksol                 ? 
_refine.solvent_model_param_bsol                 ? 
_refine.pdbx_ls_cross_valid_method               ? 
_refine.details                                  ? 
_refine.pdbx_starting_model                      ? 
_refine.pdbx_method_to_determine_struct          ? 
_refine.pdbx_isotropic_thermal_model             ? 
_refine.pdbx_stereochemistry_target_values       ? 
_refine.pdbx_stereochem_target_val_spec_case     ? 
_refine.pdbx_R_Free_selection_details            ? 
_refine.pdbx_overall_ESU_R                       ? 
_refine.pdbx_overall_ESU_R_Free                  ? 
_refine.overall_SU_ML                            ? 
_refine.overall_SU_B                             ? 
_refine.pdbx_refine_id                           'X-RAY DIFFRACTION' 
_refine.ls_redundancy_reflns_obs                 ? 
_refine.pdbx_overall_phase_error                 ? 
_refine.correlation_coeff_Fo_to_Fc               ? 
_refine.correlation_coeff_Fo_to_Fc_free          ? 
_refine.pdbx_solvent_vdw_probe_radii             ? 
_refine.pdbx_solvent_ion_probe_radii             ? 
_refine.pdbx_solvent_shrinkage_radii             ? 
_refine.overall_SU_R_Cruickshank_DPI             ? 
_refine.overall_SU_R_free                        ? 
_refine.ls_wR_factor_R_free                      ? 
_refine.ls_wR_factor_R_work                      ? 
_refine.overall_FOM_free_R_set                   ? 
_refine.overall_FOM_work_R_set                   ? 
_refine.pdbx_diffrn_id                           1 
_refine.pdbx_TLS_residual_ADP_flag               ? 
_refine.pdbx_overall_SU_R_free_Cruickshank_DPI   ? 
_refine.pdbx_overall_SU_R_Blow_DPI               ? 
_refine.pdbx_overall_SU_R_free_Blow_DPI          ? 
# 
_refine_hist.pdbx_refine_id                   'X-RAY DIFFRACTION' 
_refine_hist.cycle_id                         LAST 
_refine_hist.pdbx_number_atoms_protein        0 
_refine_hist.pdbx_number_atoms_nucleic_acid   120 
_refine_hist.pdbx_number_atoms_ligand         39 
_refine_hist.number_atoms_solvent             84 
_refine_hist.number_atoms_total               243 
_refine_hist.d_res_high                       1.180 
_refine_hist.d_res_low                        10.000 
# 
loop_
_refine_ls_restr.type 
_refine_ls_restr.dev_ideal 
_refine_ls_restr.dev_ideal_target 
_refine_ls_restr.weight 
_refine_ls_restr.number 
_refine_ls_restr.pdbx_refine_id 
_refine_ls_restr.pdbx_restraint_function 
n_bond_d               0.034 ? ? ? 'X-RAY DIFFRACTION' ? 
n_angle_d              ?     ? ? ? 'X-RAY DIFFRACTION' ? 
n_planar_d             ?     ? ? ? 'X-RAY DIFFRACTION' ? 
n_hb_or_metal_coord    ?     ? ? ? 'X-RAY DIFFRACTION' ? 
n_sugar_bond_it        ?     ? ? ? 'X-RAY DIFFRACTION' ? 
n_sugar_angle_it       ?     ? ? ? 'X-RAY DIFFRACTION' ? 
n_phos_bond_it         ?     ? ? ? 'X-RAY DIFFRACTION' ? 
n_phos_angle_it        ?     ? ? ? 'X-RAY DIFFRACTION' ? 
n_bond_angle_restr     ?     ? ? ? 'X-RAY DIFFRACTION' ? 
n_dihedral_angle_restr ?     ? ? ? 'X-RAY DIFFRACTION' ? 
n_impr_tor             ?     ? ? ? 'X-RAY DIFFRACTION' ? 
n_sugar_bond_d         ?     ? ? ? 'X-RAY DIFFRACTION' ? 
n_sugar_bond_angle_d   ?     ? ? ? 'X-RAY DIFFRACTION' ? 
n_phos_bond_d          ?     ? ? ? 'X-RAY DIFFRACTION' ? 
n_phos_bond_angle_d    ?     ? ? ? 'X-RAY DIFFRACTION' ? 
n_plane_restr          ?     ? ? ? 'X-RAY DIFFRACTION' ? 
n_chiral_restr         ?     ? ? ? 'X-RAY DIFFRACTION' ? 
n_singtor_nbd          ?     ? ? ? 'X-RAY DIFFRACTION' ? 
n_multtor_nbd          ?     ? ? ? 'X-RAY DIFFRACTION' ? 
n_xhyhbond_nbd         ?     ? ? ? 'X-RAY DIFFRACTION' ? 
# 
_struct.entry_id                  1D11 
_struct.title                     
;INTERACTIONS BETWEEN AN ANTHRACYCLINE ANTIBIOTIC AND DNA MOLECULAR STRUCTURE OF DAUNOMYCIN COMPLEXED TO D(CPGPTPAPCPG) AT 1.2-ANGSTROMS RESOLUTION
;
_struct.pdbx_model_details        ? 
_struct.pdbx_CASP_flag            ? 
_struct.pdbx_model_type_details   ? 
# 
_struct_keywords.entry_id        1D11 
_struct_keywords.pdbx_keywords   DNA 
_struct_keywords.text            'RIGHT HANDED DNA, DOUBLE HELIX, COMPLEXED WITH DRUG, DNA' 
# 
loop_
_struct_asym.id 
_struct_asym.pdbx_blank_PDB_chainid_flag 
_struct_asym.pdbx_modified 
_struct_asym.entity_id 
_struct_asym.details 
A N N 1 ? 
B N N 2 ? 
C N N 3 ? 
D N N 4 ? 
# 
_struct_ref.id                         1 
_struct_ref.entity_id                  1 
_struct_ref.db_name                    PDB 
_struct_ref.db_code                    1D11 
_struct_ref.pdbx_db_accession          1D11 
_struct_ref.pdbx_align_begin           ? 
_struct_ref.pdbx_seq_one_letter_code   ? 
_struct_ref.pdbx_db_isoform            ? 
# 
_struct_ref_seq.align_id                      1 
_struct_ref_seq.ref_id                        1 
_struct_ref_seq.pdbx_PDB_id_code              1D11 
_struct_ref_seq.pdbx_strand_id                A 
_struct_ref_seq.seq_align_beg                 1 
_struct_ref_seq.pdbx_seq_align_beg_ins_code   ? 
_struct_ref_seq.seq_align_end                 6 
_struct_ref_seq.pdbx_seq_align_end_ins_code   ? 
_struct_ref_seq.pdbx_db_accession             1D11 
_struct_ref_seq.db_align_beg                  1 
_struct_ref_seq.pdbx_db_align_beg_ins_code    ? 
_struct_ref_seq.db_align_end                  6 
_struct_ref_seq.pdbx_db_align_end_ins_code    ? 
_struct_ref_seq.pdbx_auth_seq_align_beg       1 
_struct_ref_seq.pdbx_auth_seq_align_end       6 
# 
_pdbx_struct_assembly.id                   1 
_pdbx_struct_assembly.details              author_defined_assembly 
_pdbx_struct_assembly.method_details       ? 
_pdbx_struct_assembly.oligomeric_details   dimeric 
_pdbx_struct_assembly.oligomeric_count     2 
# 
_pdbx_struct_assembly_gen.assembly_id       1 
_pdbx_struct_assembly_gen.oper_expression   1,2 
_pdbx_struct_assembly_gen.asym_id_list      A,B,C,D 
# 
loop_
_pdbx_struct_oper_list.id 
_pdbx_struct_oper_list.type 
_pdbx_struct_oper_list.name 
_pdbx_struct_oper_list.symmetry_operation 
_pdbx_struct_oper_list.matrix[1][1] 
_pdbx_struct_oper_list.matrix[1][2] 
_pdbx_struct_oper_list.matrix[1][3] 
_pdbx_struct_oper_list.vector[1] 
_pdbx_struct_oper_list.matrix[2][1] 
_pdbx_struct_oper_list.matrix[2][2] 
_pdbx_struct_oper_list.matrix[2][3] 
_pdbx_struct_oper_list.vector[2] 
_pdbx_struct_oper_list.matrix[3][1] 
_pdbx_struct_oper_list.matrix[3][2] 
_pdbx_struct_oper_list.matrix[3][3] 
_pdbx_struct_oper_list.vector[3] 
1 'identity operation'         1_555 x,y,z            1.0000000000  0.0000000000  0.0000000000  0.0000000000  0.0000000000  1.0000000000 0.0000000000 0.0000000000 0.0000000000  0.0000000000 1.0000000000  0.0000000000  
2 'crystal symmetry operation' 8_665 -y+1,-x+1,-z+1/2 -0.9996248147 -0.0200249957 -0.0186876815 -2.6898902360 -0.0200249957 0.0688063240 0.9974290397 0.9136113621 -0.0186876815 0.9974290397 -0.0691815093 -1.0329944294 
# 
_struct_biol.id        1 
_struct_biol.details   ? 
# 
loop_
_struct_conn.id 
_struct_conn.conn_type_id 
_struct_conn.pdbx_leaving_atom_flag 
_struct_conn.pdbx_PDB_id 
_struct_conn.ptnr1_label_asym_id 
_struct_conn.ptnr1_label_comp_id 
_struct_conn.ptnr1_label_seq_id 
_struct_conn.ptnr1_label_atom_id 
_struct_conn.pdbx_ptnr1_label_alt_id 
_struct_conn.pdbx_ptnr1_PDB_ins_code 
_struct_conn.pdbx_ptnr1_standard_comp_id 
_struct_conn.ptnr1_symmetry 
_struct_conn.ptnr2_label_asym_id 
_struct_conn.ptnr2_label_comp_id 
_struct_conn.ptnr2_label_seq_id 
_struct_conn.ptnr2_label_atom_id 
_struct_conn.pdbx_ptnr2_label_alt_id 
_struct_conn.pdbx_ptnr2_PDB_ins_code 
_struct_conn.ptnr1_auth_asym_id 
_struct_conn.ptnr1_auth_comp_id 
_struct_conn.ptnr1_auth_seq_id 
_struct_conn.ptnr2_auth_asym_id 
_struct_conn.ptnr2_auth_comp_id 
_struct_conn.ptnr2_auth_seq_id 
_struct_conn.ptnr2_symmetry 
_struct_conn.pdbx_ptnr3_label_atom_id 
_struct_conn.pdbx_ptnr3_label_seq_id 
_struct_conn.pdbx_ptnr3_label_comp_id 
_struct_conn.pdbx_ptnr3_label_asym_id 
_struct_conn.pdbx_ptnr3_label_alt_id 
_struct_conn.pdbx_ptnr3_PDB_ins_code 
_struct_conn.details 
_struct_conn.pdbx_dist_value 
_struct_conn.pdbx_value_order 
_struct_conn.pdbx_role 
metalc1  metalc ? ? C NA . NA ? ? ? 1_555 D HOH . O  ? ? A NA 8 A HOH 9  1_555 ? ? ? ? ? ? ?            2.895 ? ? 
metalc2  metalc ? ? C NA . NA ? ? ? 1_555 D HOH . O  ? ? A NA 8 A HOH 10 1_555 ? ? ? ? ? ? ?            3.044 ? ? 
metalc3  metalc ? ? C NA . NA ? ? ? 1_555 D HOH . O  ? ? A NA 8 A HOH 11 1_555 ? ? ? ? ? ? ?            2.720 ? ? 
hydrog1  hydrog ? ? A DC 1 N3 ? ? ? 1_555 A DG  6 N1 ? ? A DC 1 A DG  6  8_665 ? ? ? ? ? ? WATSON-CRICK ?     ? ? 
hydrog2  hydrog ? ? A DC 1 N4 ? ? ? 1_555 A DG  6 O6 ? ? A DC 1 A DG  6  8_665 ? ? ? ? ? ? WATSON-CRICK ?     ? ? 
hydrog3  hydrog ? ? A DC 1 O2 ? ? ? 1_555 A DG  6 N2 ? ? A DC 1 A DG  6  8_665 ? ? ? ? ? ? WATSON-CRICK ?     ? ? 
hydrog4  hydrog ? ? A DG 2 N1 ? ? ? 1_555 A DC  5 N3 ? ? A DG 2 A DC  5  8_665 ? ? ? ? ? ? WATSON-CRICK ?     ? ? 
hydrog5  hydrog ? ? A DG 2 N2 ? ? ? 1_555 A DC  5 O2 ? ? A DG 2 A DC  5  8_665 ? ? ? ? ? ? WATSON-CRICK ?     ? ? 
hydrog6  hydrog ? ? A DG 2 O6 ? ? ? 1_555 A DC  5 N4 ? ? A DG 2 A DC  5  8_665 ? ? ? ? ? ? WATSON-CRICK ?     ? ? 
hydrog7  hydrog ? ? A DT 3 N3 ? ? ? 1_555 A DA  4 N1 ? ? A DT 3 A DA  4  8_665 ? ? ? ? ? ? WATSON-CRICK ?     ? ? 
hydrog8  hydrog ? ? A DT 3 O4 ? ? ? 1_555 A DA  4 N6 ? ? A DT 3 A DA  4  8_665 ? ? ? ? ? ? WATSON-CRICK ?     ? ? 
hydrog9  hydrog ? ? A DA 4 N1 ? ? ? 1_555 A DT  3 N3 ? ? A DA 4 A DT  3  8_665 ? ? ? ? ? ? WATSON-CRICK ?     ? ? 
hydrog10 hydrog ? ? A DA 4 N6 ? ? ? 1_555 A DT  3 O4 ? ? A DA 4 A DT  3  8_665 ? ? ? ? ? ? WATSON-CRICK ?     ? ? 
hydrog11 hydrog ? ? A DC 5 N3 ? ? ? 1_555 A DG  2 N1 ? ? A DC 5 A DG  2  8_665 ? ? ? ? ? ? WATSON-CRICK ?     ? ? 
hydrog12 hydrog ? ? A DC 5 N4 ? ? ? 1_555 A DG  2 O6 ? ? A DC 5 A DG  2  8_665 ? ? ? ? ? ? WATSON-CRICK ?     ? ? 
hydrog13 hydrog ? ? A DC 5 O2 ? ? ? 1_555 A DG  2 N2 ? ? A DC 5 A DG  2  8_665 ? ? ? ? ? ? WATSON-CRICK ?     ? ? 
hydrog14 hydrog ? ? A DG 6 N1 ? ? ? 1_555 A DC  1 N3 ? ? A DG 6 A DC  1  8_665 ? ? ? ? ? ? WATSON-CRICK ?     ? ? 
hydrog15 hydrog ? ? A DG 6 N2 ? ? ? 1_555 A DC  1 O2 ? ? A DG 6 A DC  1  8_665 ? ? ? ? ? ? WATSON-CRICK ?     ? ? 
hydrog16 hydrog ? ? A DG 6 O6 ? ? ? 1_555 A DC  1 N4 ? ? A DG 6 A DC  1  8_665 ? ? ? ? ? ? WATSON-CRICK ?     ? ? 
# 
loop_
_struct_conn_type.id 
_struct_conn_type.criteria 
_struct_conn_type.reference 
metalc ? ? 
hydrog ? ? 
# 
loop_
_pdbx_struct_conn_angle.id 
_pdbx_struct_conn_angle.ptnr1_label_atom_id 
_pdbx_struct_conn_angle.ptnr1_label_alt_id 
_pdbx_struct_conn_angle.ptnr1_label_asym_id 
_pdbx_struct_conn_angle.ptnr1_label_comp_id 
_pdbx_struct_conn_angle.ptnr1_label_seq_id 
_pdbx_struct_conn_angle.ptnr1_auth_atom_id 
_pdbx_struct_conn_angle.ptnr1_auth_asym_id 
_pdbx_struct_conn_angle.ptnr1_auth_comp_id 
_pdbx_struct_conn_angle.ptnr1_auth_seq_id 
_pdbx_struct_conn_angle.ptnr1_PDB_ins_code 
_pdbx_struct_conn_angle.ptnr1_symmetry 
_pdbx_struct_conn_angle.ptnr2_label_atom_id 
_pdbx_struct_conn_angle.ptnr2_label_alt_id 
_pdbx_struct_conn_angle.ptnr2_label_asym_id 
_pdbx_struct_conn_angle.ptnr2_label_comp_id 
_pdbx_struct_conn_angle.ptnr2_label_seq_id 
_pdbx_struct_conn_angle.ptnr2_auth_atom_id 
_pdbx_struct_conn_angle.ptnr2_auth_asym_id 
_pdbx_struct_conn_angle.ptnr2_auth_comp_id 
_pdbx_struct_conn_angle.ptnr2_auth_seq_id 
_pdbx_struct_conn_angle.ptnr2_PDB_ins_code 
_pdbx_struct_conn_angle.ptnr2_symmetry 
_pdbx_struct_conn_angle.ptnr3_label_atom_id 
_pdbx_struct_conn_angle.ptnr3_label_alt_id 
_pdbx_struct_conn_angle.ptnr3_label_asym_id 
_pdbx_struct_conn_angle.ptnr3_label_comp_id 
_pdbx_struct_conn_angle.ptnr3_label_seq_id 
_pdbx_struct_conn_angle.ptnr3_auth_atom_id 
_pdbx_struct_conn_angle.ptnr3_auth_asym_id 
_pdbx_struct_conn_angle.ptnr3_auth_comp_id 
_pdbx_struct_conn_angle.ptnr3_auth_seq_id 
_pdbx_struct_conn_angle.ptnr3_PDB_ins_code 
_pdbx_struct_conn_angle.ptnr3_symmetry 
_pdbx_struct_conn_angle.value 
_pdbx_struct_conn_angle.value_esd 
1 O ? D HOH . ? A HOH 9  ? 1_555 NA ? C NA . ? A NA 8 ? 1_555 O ? D HOH . ? A HOH 10 ? 1_555 162.2 ? 
2 O ? D HOH . ? A HOH 9  ? 1_555 NA ? C NA . ? A NA 8 ? 1_555 O ? D HOH . ? A HOH 11 ? 1_555 97.8  ? 
3 O ? D HOH . ? A HOH 10 ? 1_555 NA ? C NA . ? A NA 8 ? 1_555 O ? D HOH . ? A HOH 11 ? 1_555 65.9  ? 
# 
loop_
_struct_site.id 
_struct_site.pdbx_evidence_code 
_struct_site.pdbx_auth_asym_id 
_struct_site.pdbx_auth_comp_id 
_struct_site.pdbx_auth_seq_id 
_struct_site.pdbx_auth_ins_code 
_struct_site.pdbx_num_residues 
_struct_site.details 
AC1 Software A DM1 7 ? 13 'BINDING SITE FOR RESIDUE DM1 A 7' 
AC2 Software A NA  8 ? 5  'BINDING SITE FOR RESIDUE NA A 8'  
1   ?        ? ?   ? ? ?  ?                                  
# 
loop_
_struct_site_gen.id 
_struct_site_gen.site_id 
_struct_site_gen.pdbx_num_res 
_struct_site_gen.label_comp_id 
_struct_site_gen.label_asym_id 
_struct_site_gen.label_seq_id 
_struct_site_gen.pdbx_auth_ins_code 
_struct_site_gen.auth_comp_id 
_struct_site_gen.auth_asym_id 
_struct_site_gen.auth_seq_id 
_struct_site_gen.label_atom_id 
_struct_site_gen.label_alt_id 
_struct_site_gen.symmetry 
_struct_site_gen.details 
1  AC1 13 DC  A 1 ? DC  A 1  . ? 8_665 ? 
2  AC1 13 DG  A 2 ? DG  A 2  . ? 8_665 ? 
3  AC1 13 DT  A 3 ? DT  A 3  . ? 8_665 ? 
4  AC1 13 DA  A 4 ? DA  A 4  . ? 1_555 ? 
5  AC1 13 DC  A 5 ? DC  A 5  . ? 1_555 ? 
6  AC1 13 DG  A 6 ? DG  A 6  . ? 1_555 ? 
7  AC1 13 NA  C . ? NA  A 8  . ? 8_665 ? 
8  AC1 13 HOH D . ? HOH A 12 . ? 8_665 ? 
9  AC1 13 HOH D . ? HOH A 20 . ? 8_665 ? 
10 AC1 13 HOH D . ? HOH A 21 . ? 1_555 ? 
11 AC1 13 HOH D . ? HOH A 25 . ? 4_554 ? 
12 AC1 13 HOH D . ? HOH A 37 . ? 8_665 ? 
13 AC1 13 HOH D . ? HOH A 39 . ? 8_665 ? 
14 AC2 5  DG  A 6 ? DG  A 6  . ? 8_665 ? 
15 AC2 5  DM1 B . ? DM1 A 7  . ? 8_665 ? 
16 AC2 5  HOH D . ? HOH A 9  . ? 1_555 ? 
17 AC2 5  HOH D . ? HOH A 10 . ? 1_555 ? 
18 AC2 5  HOH D . ? HOH A 11 . ? 1_555 ? 
# 
loop_
_pdbx_validate_close_contact.id 
_pdbx_validate_close_contact.PDB_model_num 
_pdbx_validate_close_contact.auth_atom_id_1 
_pdbx_validate_close_contact.auth_asym_id_1 
_pdbx_validate_close_contact.auth_comp_id_1 
_pdbx_validate_close_contact.auth_seq_id_1 
_pdbx_validate_close_contact.PDB_ins_code_1 
_pdbx_validate_close_contact.label_alt_id_1 
_pdbx_validate_close_contact.auth_atom_id_2 
_pdbx_validate_close_contact.auth_asym_id_2 
_pdbx_validate_close_contact.auth_comp_id_2 
_pdbx_validate_close_contact.auth_seq_id_2 
_pdbx_validate_close_contact.PDB_ins_code_2 
_pdbx_validate_close_contact.label_alt_id_2 
_pdbx_validate_close_contact.dist 
1 1 O A HOH 40 ? ? O A HOH 84 ? ? 2.01 
2 1 O A HOH 43 ? ? O A HOH 89 ? ? 2.03 
3 1 O A HOH 46 ? ? O A HOH 89 ? ? 2.10 
# 
loop_
_pdbx_validate_symm_contact.id 
_pdbx_validate_symm_contact.PDB_model_num 
_pdbx_validate_symm_contact.auth_atom_id_1 
_pdbx_validate_symm_contact.auth_asym_id_1 
_pdbx_validate_symm_contact.auth_comp_id_1 
_pdbx_validate_symm_contact.auth_seq_id_1 
_pdbx_validate_symm_contact.PDB_ins_code_1 
_pdbx_validate_symm_contact.label_alt_id_1 
_pdbx_validate_symm_contact.site_symmetry_1 
_pdbx_validate_symm_contact.auth_atom_id_2 
_pdbx_validate_symm_contact.auth_asym_id_2 
_pdbx_validate_symm_contact.auth_comp_id_2 
_pdbx_validate_symm_contact.auth_seq_id_2 
_pdbx_validate_symm_contact.PDB_ins_code_2 
_pdbx_validate_symm_contact.label_alt_id_2 
_pdbx_validate_symm_contact.site_symmetry_2 
_pdbx_validate_symm_contact.dist 
1 1 OP1 A DC  5  ? ? 1_555 O A HOH 61 ? ? 8_665 1.54 
2 1 O   A HOH 58 ? ? 1_555 O A HOH 61 ? ? 6_455 1.71 
3 1 O   A HOH 46 ? ? 1_555 O A HOH 46 ? ? 7_556 1.73 
4 1 O   A HOH 36 ? ? 1_555 O A HOH 85 ? ? 6_565 1.84 
5 1 O   A HOH 56 ? ? 1_555 O A HOH 87 ? ? 8_765 1.93 
6 1 O   A HOH 57 ? ? 1_555 O A HOH 65 ? ? 6_555 2.03 
7 1 O   A HOH 35 ? ? 1_555 O A HOH 65 ? ? 6_555 2.03 
8 1 O   A HOH 49 ? ? 1_555 O A HOH 71 ? ? 7_556 2.05 
9 1 O   A HOH 57 ? ? 1_555 O A HOH 58 ? ? 4_554 2.18 
# 
loop_
_pdbx_validate_rmsd_bond.id 
_pdbx_validate_rmsd_bond.PDB_model_num 
_pdbx_validate_rmsd_bond.auth_atom_id_1 
_pdbx_validate_rmsd_bond.auth_asym_id_1 
_pdbx_validate_rmsd_bond.auth_comp_id_1 
_pdbx_validate_rmsd_bond.auth_seq_id_1 
_pdbx_validate_rmsd_bond.PDB_ins_code_1 
_pdbx_validate_rmsd_bond.label_alt_id_1 
_pdbx_validate_rmsd_bond.auth_atom_id_2 
_pdbx_validate_rmsd_bond.auth_asym_id_2 
_pdbx_validate_rmsd_bond.auth_comp_id_2 
_pdbx_validate_rmsd_bond.auth_seq_id_2 
_pdbx_validate_rmsd_bond.PDB_ins_code_2 
_pdbx_validate_rmsd_bond.label_alt_id_2 
_pdbx_validate_rmsd_bond.bond_value 
_pdbx_validate_rmsd_bond.bond_target_value 
_pdbx_validate_rmsd_bond.bond_deviation 
_pdbx_validate_rmsd_bond.bond_standard_deviation 
_pdbx_validate_rmsd_bond.linker_flag 
1  1 "C2'" A DC 1 ? ? "C1'" A DC 1 ? ? 1.583 1.519 0.064  0.010 N 
2  1 "C2'" A DG 2 ? ? "C1'" A DG 2 ? ? 1.590 1.519 0.071  0.010 N 
3  1 C6    A DG 2 ? ? N1    A DG 2 ? ? 1.323 1.391 -0.068 0.007 N 
4  1 C2    A DG 2 ? ? N2    A DG 2 ? ? 1.270 1.341 -0.071 0.010 N 
5  1 "C3'" A DT 3 ? ? "C2'" A DT 3 ? ? 1.462 1.516 -0.054 0.008 N 
6  1 C4    A DA 4 ? ? C5    A DA 4 ? ? 1.341 1.383 -0.042 0.007 N 
7  1 N9    A DA 4 ? ? C4    A DA 4 ? ? 1.418 1.374 0.044  0.006 N 
8  1 P     A DC 5 ? ? "O5'" A DC 5 ? ? 1.670 1.593 0.077  0.010 N 
9  1 "C5'" A DC 5 ? ? "C4'" A DC 5 ? ? 1.561 1.512 0.049  0.007 N 
10 1 "C2'" A DC 5 ? ? "C1'" A DC 5 ? ? 1.591 1.519 0.072  0.010 N 
11 1 "O4'" A DC 5 ? ? "C1'" A DC 5 ? ? 1.325 1.418 -0.093 0.012 N 
12 1 N3    A DC 5 ? ? C4    A DC 5 ? ? 1.398 1.335 0.063  0.007 N 
13 1 C2    A DG 6 ? ? N2    A DG 6 ? ? 1.259 1.341 -0.082 0.010 N 
# 
loop_
_pdbx_validate_rmsd_angle.id 
_pdbx_validate_rmsd_angle.PDB_model_num 
_pdbx_validate_rmsd_angle.auth_atom_id_1 
_pdbx_validate_rmsd_angle.auth_asym_id_1 
_pdbx_validate_rmsd_angle.auth_comp_id_1 
_pdbx_validate_rmsd_angle.auth_seq_id_1 
_pdbx_validate_rmsd_angle.PDB_ins_code_1 
_pdbx_validate_rmsd_angle.label_alt_id_1 
_pdbx_validate_rmsd_angle.auth_atom_id_2 
_pdbx_validate_rmsd_angle.auth_asym_id_2 
_pdbx_validate_rmsd_angle.auth_comp_id_2 
_pdbx_validate_rmsd_angle.auth_seq_id_2 
_pdbx_validate_rmsd_angle.PDB_ins_code_2 
_pdbx_validate_rmsd_angle.label_alt_id_2 
_pdbx_validate_rmsd_angle.auth_atom_id_3 
_pdbx_validate_rmsd_angle.auth_asym_id_3 
_pdbx_validate_rmsd_angle.auth_comp_id_3 
_pdbx_validate_rmsd_angle.auth_seq_id_3 
_pdbx_validate_rmsd_angle.PDB_ins_code_3 
_pdbx_validate_rmsd_angle.label_alt_id_3 
_pdbx_validate_rmsd_angle.angle_value 
_pdbx_validate_rmsd_angle.angle_target_value 
_pdbx_validate_rmsd_angle.angle_deviation 
_pdbx_validate_rmsd_angle.angle_standard_deviation 
_pdbx_validate_rmsd_angle.linker_flag 
1  1 C2    A DC 1 ? ? N3    A DC 1 ? ? C4    A DC 1 ? ? 124.24 119.90 4.34   0.50 N 
2  1 N3    A DC 1 ? ? C4    A DC 1 ? ? C5    A DC 1 ? ? 118.11 121.90 -3.79  0.40 N 
3  1 N1    A DC 1 ? ? C2    A DC 1 ? ? O2    A DC 1 ? ? 122.77 118.90 3.87   0.60 N 
4  1 "O4'" A DG 2 ? ? "C4'" A DG 2 ? ? "C3'" A DG 2 ? ? 101.31 104.50 -3.19  0.40 N 
5  1 "C3'" A DG 2 ? ? "C2'" A DG 2 ? ? "C1'" A DG 2 ? ? 93.91  102.40 -8.49  0.80 N 
6  1 "O4'" A DG 2 ? ? "C1'" A DG 2 ? ? N9    A DG 2 ? ? 114.30 108.30 6.00   0.30 N 
7  1 C5    A DG 2 ? ? C6    A DG 2 ? ? N1    A DG 2 ? ? 116.52 111.50 5.02   0.50 N 
8  1 C5    A DG 2 ? ? N7    A DG 2 ? ? C8    A DG 2 ? ? 100.96 104.30 -3.34  0.50 N 
9  1 N7    A DG 2 ? ? C8    A DG 2 ? ? N9    A DG 2 ? ? 116.20 113.10 3.10   0.50 N 
10 1 C8    A DG 2 ? ? N9    A DG 2 ? ? C4    A DG 2 ? ? 103.46 106.40 -2.94  0.40 N 
11 1 N3    A DG 2 ? ? C2    A DG 2 ? ? N2    A DG 2 ? ? 114.87 119.90 -5.03  0.70 N 
12 1 N1    A DG 2 ? ? C6    A DG 2 ? ? O6    A DG 2 ? ? 114.50 119.90 -5.40  0.60 N 
13 1 "C3'" A DG 2 ? ? "O3'" A DG 2 ? ? P     A DT 3 ? ? 128.24 119.70 8.54   1.20 Y 
14 1 "O5'" A DT 3 ? ? "C5'" A DT 3 ? ? "C4'" A DT 3 ? ? 98.10  109.40 -11.30 0.80 N 
15 1 "O4'" A DT 3 ? ? "C1'" A DT 3 ? ? N1    A DT 3 ? ? 103.43 108.00 -4.57  0.70 N 
16 1 OP1   A DA 4 ? ? P     A DA 4 ? ? OP2   A DA 4 ? ? 130.23 119.60 10.63  1.50 N 
17 1 "C3'" A DA 4 ? ? "C2'" A DA 4 ? ? "C1'" A DA 4 ? ? 97.16  102.40 -5.24  0.80 N 
18 1 "O4'" A DA 4 ? ? "C1'" A DA 4 ? ? N9    A DA 4 ? ? 103.04 108.00 -4.96  0.70 N 
19 1 "O5'" A DC 5 ? ? "C5'" A DC 5 ? ? "C4'" A DC 5 ? ? 103.44 109.40 -5.96  0.80 N 
20 1 "C3'" A DC 5 ? ? "C2'" A DC 5 ? ? "C1'" A DC 5 ? ? 95.94  102.40 -6.46  0.80 N 
21 1 "O4'" A DC 5 ? ? "C1'" A DC 5 ? ? N1    A DC 5 ? ? 114.90 108.30 6.60   0.30 N 
22 1 C6    A DC 5 ? ? N1    A DC 5 ? ? C2    A DC 5 ? ? 123.15 120.30 2.85   0.40 N 
23 1 N1    A DC 5 ? ? C2    A DC 5 ? ? O2    A DC 5 ? ? 125.22 118.90 6.32   0.60 N 
24 1 N3    A DC 5 ? ? C2    A DC 5 ? ? O2    A DC 5 ? ? 117.48 121.90 -4.42  0.70 N 
25 1 C2    A DC 5 ? ? N1    A DC 5 ? ? "C1'" A DC 5 ? ? 111.88 118.80 -6.92  1.10 N 
26 1 N3    A DG 6 ? ? C4    A DG 6 ? ? C5    A DG 6 ? ? 131.62 128.60 3.02   0.50 N 
27 1 C5    A DG 6 ? ? C6    A DG 6 ? ? N1    A DG 6 ? ? 115.48 111.50 3.98   0.50 N 
28 1 C4    A DG 6 ? ? C5    A DG 6 ? ? N7    A DG 6 ? ? 115.45 110.80 4.65   0.40 N 
29 1 C5    A DG 6 ? ? N7    A DG 6 ? ? C8    A DG 6 ? ? 101.16 104.30 -3.14  0.50 N 
30 1 N9    A DG 6 ? ? C4    A DG 6 ? ? C5    A DG 6 ? ? 101.08 105.40 -4.32  0.40 N 
31 1 N3    A DG 6 ? ? C2    A DG 6 ? ? N2    A DG 6 ? ? 113.59 119.90 -6.31  0.70 N 
32 1 C5    A DG 6 ? ? C6    A DG 6 ? ? O6    A DG 6 ? ? 123.87 128.60 -4.73  0.60 N 
# 
_struct_site_keywords.site_id   1 
_struct_site_keywords.text      INTERCALATION 
# 
loop_
_refine_B_iso.class 
_refine_B_iso.details 
_refine_B_iso.treatment 
_refine_B_iso.pdbx_refine_id 
'ALL ATOMS'  TR isotropic 'X-RAY DIFFRACTION' 
'ALL WATERS' TR isotropic 'X-RAY DIFFRACTION' 
# 
loop_
_refine_occupancy.class 
_refine_occupancy.treatment 
_refine_occupancy.pdbx_refine_id 
'ALL ATOMS'  fix 'X-RAY DIFFRACTION' 
'ALL WATERS' fix 'X-RAY DIFFRACTION' 
# 
loop_
_chem_comp_atom.comp_id 
_chem_comp_atom.atom_id 
_chem_comp_atom.type_symbol 
_chem_comp_atom.pdbx_aromatic_flag 
_chem_comp_atom.pdbx_stereo_config 
_chem_comp_atom.pdbx_ordinal 
DA  OP3    O  N N 1   
DA  P      P  N N 2   
DA  OP1    O  N N 3   
DA  OP2    O  N N 4   
DA  "O5'"  O  N N 5   
DA  "C5'"  C  N N 6   
DA  "C4'"  C  N R 7   
DA  "O4'"  O  N N 8   
DA  "C3'"  C  N S 9   
DA  "O3'"  O  N N 10  
DA  "C2'"  C  N N 11  
DA  "C1'"  C  N R 12  
DA  N9     N  Y N 13  
DA  C8     C  Y N 14  
DA  N7     N  Y N 15  
DA  C5     C  Y N 16  
DA  C6     C  Y N 17  
DA  N6     N  N N 18  
DA  N1     N  Y N 19  
DA  C2     C  Y N 20  
DA  N3     N  Y N 21  
DA  C4     C  Y N 22  
DA  HOP3   H  N N 23  
DA  HOP2   H  N N 24  
DA  "H5'"  H  N N 25  
DA  "H5''" H  N N 26  
DA  "H4'"  H  N N 27  
DA  "H3'"  H  N N 28  
DA  "HO3'" H  N N 29  
DA  "H2'"  H  N N 30  
DA  "H2''" H  N N 31  
DA  "H1'"  H  N N 32  
DA  H8     H  N N 33  
DA  H61    H  N N 34  
DA  H62    H  N N 35  
DA  H2     H  N N 36  
DC  OP3    O  N N 37  
DC  P      P  N N 38  
DC  OP1    O  N N 39  
DC  OP2    O  N N 40  
DC  "O5'"  O  N N 41  
DC  "C5'"  C  N N 42  
DC  "C4'"  C  N R 43  
DC  "O4'"  O  N N 44  
DC  "C3'"  C  N S 45  
DC  "O3'"  O  N N 46  
DC  "C2'"  C  N N 47  
DC  "C1'"  C  N R 48  
DC  N1     N  N N 49  
DC  C2     C  N N 50  
DC  O2     O  N N 51  
DC  N3     N  N N 52  
DC  C4     C  N N 53  
DC  N4     N  N N 54  
DC  C5     C  N N 55  
DC  C6     C  N N 56  
DC  HOP3   H  N N 57  
DC  HOP2   H  N N 58  
DC  "H5'"  H  N N 59  
DC  "H5''" H  N N 60  
DC  "H4'"  H  N N 61  
DC  "H3'"  H  N N 62  
DC  "HO3'" H  N N 63  
DC  "H2'"  H  N N 64  
DC  "H2''" H  N N 65  
DC  "H1'"  H  N N 66  
DC  H41    H  N N 67  
DC  H42    H  N N 68  
DC  H5     H  N N 69  
DC  H6     H  N N 70  
DG  OP3    O  N N 71  
DG  P      P  N N 72  
DG  OP1    O  N N 73  
DG  OP2    O  N N 74  
DG  "O5'"  O  N N 75  
DG  "C5'"  C  N N 76  
DG  "C4'"  C  N R 77  
DG  "O4'"  O  N N 78  
DG  "C3'"  C  N S 79  
DG  "O3'"  O  N N 80  
DG  "C2'"  C  N N 81  
DG  "C1'"  C  N R 82  
DG  N9     N  Y N 83  
DG  C8     C  Y N 84  
DG  N7     N  Y N 85  
DG  C5     C  Y N 86  
DG  C6     C  N N 87  
DG  O6     O  N N 88  
DG  N1     N  N N 89  
DG  C2     C  N N 90  
DG  N2     N  N N 91  
DG  N3     N  N N 92  
DG  C4     C  Y N 93  
DG  HOP3   H  N N 94  
DG  HOP2   H  N N 95  
DG  "H5'"  H  N N 96  
DG  "H5''" H  N N 97  
DG  "H4'"  H  N N 98  
DG  "H3'"  H  N N 99  
DG  "HO3'" H  N N 100 
DG  "H2'"  H  N N 101 
DG  "H2''" H  N N 102 
DG  "H1'"  H  N N 103 
DG  H8     H  N N 104 
DG  H1     H  N N 105 
DG  H21    H  N N 106 
DG  H22    H  N N 107 
DM1 C1     C  Y N 108 
DM1 C2     C  Y N 109 
DM1 C3     C  Y N 110 
DM1 C4     C  Y N 111 
DM1 O4     O  N N 112 
DM1 C5     C  Y N 113 
DM1 C6     C  N N 114 
DM1 O6     O  N N 115 
DM1 C7     C  Y N 116 
DM1 C8     C  Y N 117 
DM1 O8     O  N N 118 
DM1 C9     C  Y N 119 
DM1 C10    C  N S 120 
DM1 O10    O  N N 121 
DM1 C11    C  N N 122 
DM1 C12    C  N S 123 
DM1 O12    O  N N 124 
DM1 C13    C  N N 125 
DM1 O13    O  N N 126 
DM1 C14    C  N N 127 
DM1 C15    C  N N 128 
DM1 C16    C  Y N 129 
DM1 C17    C  Y N 130 
DM1 O17    O  N N 131 
DM1 C18    C  Y N 132 
DM1 C19    C  N N 133 
DM1 O19    O  N N 134 
DM1 C20    C  Y N 135 
DM1 C21    C  N N 136 
DM1 "C1'"  C  N R 137 
DM1 "C2'"  C  N N 138 
DM1 "C3'"  C  N S 139 
DM1 "N3'"  N  N N 140 
DM1 "C4'"  C  N S 141 
DM1 "O4'"  O  N N 142 
DM1 "C5'"  C  N S 143 
DM1 "O5'"  O  N N 144 
DM1 "C6'"  C  N N 145 
DM1 H1     H  N N 146 
DM1 H2     H  N N 147 
DM1 H3     H  N N 148 
DM1 HO8    H  N N 149 
DM1 H10    H  N N 150 
DM1 H111   H  N N 151 
DM1 H112   H  N N 152 
DM1 HO12   H  N N 153 
DM1 H141   H  N N 154 
DM1 H142   H  N N 155 
DM1 H143   H  N N 156 
DM1 H151   H  N N 157 
DM1 H152   H  N N 158 
DM1 HO17   H  N N 159 
DM1 H211   H  N N 160 
DM1 H212   H  N N 161 
DM1 H213   H  N N 162 
DM1 "H1'"  H  N N 163 
DM1 "H2'1" H  N N 164 
DM1 "H2'2" H  N N 165 
DM1 "H3'"  H  N N 166 
DM1 "HN'1" H  N N 167 
DM1 "HN'2" H  N N 168 
DM1 "H4'"  H  N N 169 
DM1 "HO4'" H  N N 170 
DM1 "H5'"  H  N N 171 
DM1 "H6'1" H  N N 172 
DM1 "H6'2" H  N N 173 
DM1 "H6'3" H  N N 174 
DT  OP3    O  N N 175 
DT  P      P  N N 176 
DT  OP1    O  N N 177 
DT  OP2    O  N N 178 
DT  "O5'"  O  N N 179 
DT  "C5'"  C  N N 180 
DT  "C4'"  C  N R 181 
DT  "O4'"  O  N N 182 
DT  "C3'"  C  N S 183 
DT  "O3'"  O  N N 184 
DT  "C2'"  C  N N 185 
DT  "C1'"  C  N R 186 
DT  N1     N  N N 187 
DT  C2     C  N N 188 
DT  O2     O  N N 189 
DT  N3     N  N N 190 
DT  C4     C  N N 191 
DT  O4     O  N N 192 
DT  C5     C  N N 193 
DT  C7     C  N N 194 
DT  C6     C  N N 195 
DT  HOP3   H  N N 196 
DT  HOP2   H  N N 197 
DT  "H5'"  H  N N 198 
DT  "H5''" H  N N 199 
DT  "H4'"  H  N N 200 
DT  "H3'"  H  N N 201 
DT  "HO3'" H  N N 202 
DT  "H2'"  H  N N 203 
DT  "H2''" H  N N 204 
DT  "H1'"  H  N N 205 
DT  H3     H  N N 206 
DT  H71    H  N N 207 
DT  H72    H  N N 208 
DT  H73    H  N N 209 
DT  H6     H  N N 210 
HOH O      O  N N 211 
HOH H1     H  N N 212 
HOH H2     H  N N 213 
NA  NA     NA N N 214 
# 
loop_
_chem_comp_bond.comp_id 
_chem_comp_bond.atom_id_1 
_chem_comp_bond.atom_id_2 
_chem_comp_bond.value_order 
_chem_comp_bond.pdbx_aromatic_flag 
_chem_comp_bond.pdbx_stereo_config 
_chem_comp_bond.pdbx_ordinal 
DA  OP3   P      sing N N 1   
DA  OP3   HOP3   sing N N 2   
DA  P     OP1    doub N N 3   
DA  P     OP2    sing N N 4   
DA  P     "O5'"  sing N N 5   
DA  OP2   HOP2   sing N N 6   
DA  "O5'" "C5'"  sing N N 7   
DA  "C5'" "C4'"  sing N N 8   
DA  "C5'" "H5'"  sing N N 9   
DA  "C5'" "H5''" sing N N 10  
DA  "C4'" "O4'"  sing N N 11  
DA  "C4'" "C3'"  sing N N 12  
DA  "C4'" "H4'"  sing N N 13  
DA  "O4'" "C1'"  sing N N 14  
DA  "C3'" "O3'"  sing N N 15  
DA  "C3'" "C2'"  sing N N 16  
DA  "C3'" "H3'"  sing N N 17  
DA  "O3'" "HO3'" sing N N 18  
DA  "C2'" "C1'"  sing N N 19  
DA  "C2'" "H2'"  sing N N 20  
DA  "C2'" "H2''" sing N N 21  
DA  "C1'" N9     sing N N 22  
DA  "C1'" "H1'"  sing N N 23  
DA  N9    C8     sing Y N 24  
DA  N9    C4     sing Y N 25  
DA  C8    N7     doub Y N 26  
DA  C8    H8     sing N N 27  
DA  N7    C5     sing Y N 28  
DA  C5    C6     sing Y N 29  
DA  C5    C4     doub Y N 30  
DA  C6    N6     sing N N 31  
DA  C6    N1     doub Y N 32  
DA  N6    H61    sing N N 33  
DA  N6    H62    sing N N 34  
DA  N1    C2     sing Y N 35  
DA  C2    N3     doub Y N 36  
DA  C2    H2     sing N N 37  
DA  N3    C4     sing Y N 38  
DC  OP3   P      sing N N 39  
DC  OP3   HOP3   sing N N 40  
DC  P     OP1    doub N N 41  
DC  P     OP2    sing N N 42  
DC  P     "O5'"  sing N N 43  
DC  OP2   HOP2   sing N N 44  
DC  "O5'" "C5'"  sing N N 45  
DC  "C5'" "C4'"  sing N N 46  
DC  "C5'" "H5'"  sing N N 47  
DC  "C5'" "H5''" sing N N 48  
DC  "C4'" "O4'"  sing N N 49  
DC  "C4'" "C3'"  sing N N 50  
DC  "C4'" "H4'"  sing N N 51  
DC  "O4'" "C1'"  sing N N 52  
DC  "C3'" "O3'"  sing N N 53  
DC  "C3'" "C2'"  sing N N 54  
DC  "C3'" "H3'"  sing N N 55  
DC  "O3'" "HO3'" sing N N 56  
DC  "C2'" "C1'"  sing N N 57  
DC  "C2'" "H2'"  sing N N 58  
DC  "C2'" "H2''" sing N N 59  
DC  "C1'" N1     sing N N 60  
DC  "C1'" "H1'"  sing N N 61  
DC  N1    C2     sing N N 62  
DC  N1    C6     sing N N 63  
DC  C2    O2     doub N N 64  
DC  C2    N3     sing N N 65  
DC  N3    C4     doub N N 66  
DC  C4    N4     sing N N 67  
DC  C4    C5     sing N N 68  
DC  N4    H41    sing N N 69  
DC  N4    H42    sing N N 70  
DC  C5    C6     doub N N 71  
DC  C5    H5     sing N N 72  
DC  C6    H6     sing N N 73  
DG  OP3   P      sing N N 74  
DG  OP3   HOP3   sing N N 75  
DG  P     OP1    doub N N 76  
DG  P     OP2    sing N N 77  
DG  P     "O5'"  sing N N 78  
DG  OP2   HOP2   sing N N 79  
DG  "O5'" "C5'"  sing N N 80  
DG  "C5'" "C4'"  sing N N 81  
DG  "C5'" "H5'"  sing N N 82  
DG  "C5'" "H5''" sing N N 83  
DG  "C4'" "O4'"  sing N N 84  
DG  "C4'" "C3'"  sing N N 85  
DG  "C4'" "H4'"  sing N N 86  
DG  "O4'" "C1'"  sing N N 87  
DG  "C3'" "O3'"  sing N N 88  
DG  "C3'" "C2'"  sing N N 89  
DG  "C3'" "H3'"  sing N N 90  
DG  "O3'" "HO3'" sing N N 91  
DG  "C2'" "C1'"  sing N N 92  
DG  "C2'" "H2'"  sing N N 93  
DG  "C2'" "H2''" sing N N 94  
DG  "C1'" N9     sing N N 95  
DG  "C1'" "H1'"  sing N N 96  
DG  N9    C8     sing Y N 97  
DG  N9    C4     sing Y N 98  
DG  C8    N7     doub Y N 99  
DG  C8    H8     sing N N 100 
DG  N7    C5     sing Y N 101 
DG  C5    C6     sing N N 102 
DG  C5    C4     doub Y N 103 
DG  C6    O6     doub N N 104 
DG  C6    N1     sing N N 105 
DG  N1    C2     sing N N 106 
DG  N1    H1     sing N N 107 
DG  C2    N2     sing N N 108 
DG  C2    N3     doub N N 109 
DG  N2    H21    sing N N 110 
DG  N2    H22    sing N N 111 
DG  N3    C4     sing N N 112 
DM1 C1    C2     doub Y N 113 
DM1 C1    C20    sing Y N 114 
DM1 C1    H1     sing N N 115 
DM1 C2    C3     sing Y N 116 
DM1 C2    H2     sing N N 117 
DM1 C3    C4     doub Y N 118 
DM1 C3    H3     sing N N 119 
DM1 C4    O4     sing N N 120 
DM1 C4    C5     sing Y N 121 
DM1 O4    C21    sing N N 122 
DM1 C5    C6     sing N N 123 
DM1 C5    C20    doub Y N 124 
DM1 C6    O6     doub N N 125 
DM1 C6    C7     sing N N 126 
DM1 C7    C8     doub Y N 127 
DM1 C7    C18    sing Y N 128 
DM1 C8    O8     sing N N 129 
DM1 C8    C9     sing Y N 130 
DM1 O8    HO8    sing N N 131 
DM1 C9    C10    sing N N 132 
DM1 C9    C16    doub Y N 133 
DM1 C10   O10    sing N N 134 
DM1 C10   C11    sing N N 135 
DM1 C10   H10    sing N N 136 
DM1 O10   "C1'"  sing N N 137 
DM1 C11   C12    sing N N 138 
DM1 C11   H111   sing N N 139 
DM1 C11   H112   sing N N 140 
DM1 C12   O12    sing N N 141 
DM1 C12   C13    sing N N 142 
DM1 C12   C15    sing N N 143 
DM1 O12   HO12   sing N N 144 
DM1 C13   O13    doub N N 145 
DM1 C13   C14    sing N N 146 
DM1 C14   H141   sing N N 147 
DM1 C14   H142   sing N N 148 
DM1 C14   H143   sing N N 149 
DM1 C15   C16    sing N N 150 
DM1 C15   H151   sing N N 151 
DM1 C15   H152   sing N N 152 
DM1 C16   C17    sing Y N 153 
DM1 C17   O17    sing N N 154 
DM1 C17   C18    doub Y N 155 
DM1 O17   HO17   sing N N 156 
DM1 C18   C19    sing N N 157 
DM1 C19   O19    doub N N 158 
DM1 C19   C20    sing N N 159 
DM1 C21   H211   sing N N 160 
DM1 C21   H212   sing N N 161 
DM1 C21   H213   sing N N 162 
DM1 "C1'" "C2'"  sing N N 163 
DM1 "C1'" "O5'"  sing N N 164 
DM1 "C1'" "H1'"  sing N N 165 
DM1 "C2'" "C3'"  sing N N 166 
DM1 "C2'" "H2'1" sing N N 167 
DM1 "C2'" "H2'2" sing N N 168 
DM1 "C3'" "N3'"  sing N N 169 
DM1 "C3'" "C4'"  sing N N 170 
DM1 "C3'" "H3'"  sing N N 171 
DM1 "N3'" "HN'1" sing N N 172 
DM1 "N3'" "HN'2" sing N N 173 
DM1 "C4'" "O4'"  sing N N 174 
DM1 "C4'" "C5'"  sing N N 175 
DM1 "C4'" "H4'"  sing N N 176 
DM1 "O4'" "HO4'" sing N N 177 
DM1 "C5'" "O5'"  sing N N 178 
DM1 "C5'" "C6'"  sing N N 179 
DM1 "C5'" "H5'"  sing N N 180 
DM1 "C6'" "H6'1" sing N N 181 
DM1 "C6'" "H6'2" sing N N 182 
DM1 "C6'" "H6'3" sing N N 183 
DT  OP3   P      sing N N 184 
DT  OP3   HOP3   sing N N 185 
DT  P     OP1    doub N N 186 
DT  P     OP2    sing N N 187 
DT  P     "O5'"  sing N N 188 
DT  OP2   HOP2   sing N N 189 
DT  "O5'" "C5'"  sing N N 190 
DT  "C5'" "C4'"  sing N N 191 
DT  "C5'" "H5'"  sing N N 192 
DT  "C5'" "H5''" sing N N 193 
DT  "C4'" "O4'"  sing N N 194 
DT  "C4'" "C3'"  sing N N 195 
DT  "C4'" "H4'"  sing N N 196 
DT  "O4'" "C1'"  sing N N 197 
DT  "C3'" "O3'"  sing N N 198 
DT  "C3'" "C2'"  sing N N 199 
DT  "C3'" "H3'"  sing N N 200 
DT  "O3'" "HO3'" sing N N 201 
DT  "C2'" "C1'"  sing N N 202 
DT  "C2'" "H2'"  sing N N 203 
DT  "C2'" "H2''" sing N N 204 
DT  "C1'" N1     sing N N 205 
DT  "C1'" "H1'"  sing N N 206 
DT  N1    C2     sing N N 207 
DT  N1    C6     sing N N 208 
DT  C2    O2     doub N N 209 
DT  C2    N3     sing N N 210 
DT  N3    C4     sing N N 211 
DT  N3    H3     sing N N 212 
DT  C4    O4     doub N N 213 
DT  C4    C5     sing N N 214 
DT  C5    C7     sing N N 215 
DT  C5    C6     doub N N 216 
DT  C7    H71    sing N N 217 
DT  C7    H72    sing N N 218 
DT  C7    H73    sing N N 219 
DT  C6    H6     sing N N 220 
HOH O     H1     sing N N 221 
HOH O     H2     sing N N 222 
# 
_ndb_struct_conf_na.entry_id   1D11 
_ndb_struct_conf_na.feature    'b-form double helix' 
# 
loop_
_ndb_struct_na_base_pair.model_number 
_ndb_struct_na_base_pair.i_label_asym_id 
_ndb_struct_na_base_pair.i_label_comp_id 
_ndb_struct_na_base_pair.i_label_seq_id 
_ndb_struct_na_base_pair.i_symmetry 
_ndb_struct_na_base_pair.j_label_asym_id 
_ndb_struct_na_base_pair.j_label_comp_id 
_ndb_struct_na_base_pair.j_label_seq_id 
_ndb_struct_na_base_pair.j_symmetry 
_ndb_struct_na_base_pair.shear 
_ndb_struct_na_base_pair.stretch 
_ndb_struct_na_base_pair.stagger 
_ndb_struct_na_base_pair.buckle 
_ndb_struct_na_base_pair.propeller 
_ndb_struct_na_base_pair.opening 
_ndb_struct_na_base_pair.pair_number 
_ndb_struct_na_base_pair.pair_name 
_ndb_struct_na_base_pair.i_auth_asym_id 
_ndb_struct_na_base_pair.i_auth_seq_id 
_ndb_struct_na_base_pair.i_PDB_ins_code 
_ndb_struct_na_base_pair.j_auth_asym_id 
_ndb_struct_na_base_pair.j_auth_seq_id 
_ndb_struct_na_base_pair.j_PDB_ins_code 
_ndb_struct_na_base_pair.hbond_type_28 
_ndb_struct_na_base_pair.hbond_type_12 
1 A DC 1 1_555 A DG 6 8_665 0.192  -0.159 0.029  8.171   0.231  -2.078 1 A_DC1:DG6_A A 1 ? A 6 ? 19 1 
1 A DG 2 1_555 A DC 5 8_665 -0.043 -0.045 -0.383 -16.616 3.325  0.689  2 A_DG2:DC5_A A 2 ? A 5 ? 19 1 
1 A DT 3 1_555 A DA 4 8_665 -0.205 -0.111 -0.036 -3.731  -6.996 2.144  3 A_DT3:DA4_A A 3 ? A 4 ? 20 1 
1 A DA 4 1_555 A DT 3 8_665 0.205  -0.111 -0.036 3.731   -6.996 2.144  4 A_DA4:DT3_A A 4 ? A 3 ? 20 1 
1 A DC 5 1_555 A DG 2 8_665 0.043  -0.045 -0.383 16.616  3.325  0.689  5 A_DC5:DG2_A A 5 ? A 2 ? 19 1 
1 A DG 6 1_555 A DC 1 8_665 -0.192 -0.159 0.029  -8.171  0.231  -2.078 6 A_DG6:DC1_A A 6 ? A 1 ? 19 1 
# 
loop_
_ndb_struct_na_base_pair_step.model_number 
_ndb_struct_na_base_pair_step.i_label_asym_id_1 
_ndb_struct_na_base_pair_step.i_label_comp_id_1 
_ndb_struct_na_base_pair_step.i_label_seq_id_1 
_ndb_struct_na_base_pair_step.i_symmetry_1 
_ndb_struct_na_base_pair_step.j_label_asym_id_1 
_ndb_struct_na_base_pair_step.j_label_comp_id_1 
_ndb_struct_na_base_pair_step.j_label_seq_id_1 
_ndb_struct_na_base_pair_step.j_symmetry_1 
_ndb_struct_na_base_pair_step.i_label_asym_id_2 
_ndb_struct_na_base_pair_step.i_label_comp_id_2 
_ndb_struct_na_base_pair_step.i_label_seq_id_2 
_ndb_struct_na_base_pair_step.i_symmetry_2 
_ndb_struct_na_base_pair_step.j_label_asym_id_2 
_ndb_struct_na_base_pair_step.j_label_comp_id_2 
_ndb_struct_na_base_pair_step.j_label_seq_id_2 
_ndb_struct_na_base_pair_step.j_symmetry_2 
_ndb_struct_na_base_pair_step.shift 
_ndb_struct_na_base_pair_step.slide 
_ndb_struct_na_base_pair_step.rise 
_ndb_struct_na_base_pair_step.tilt 
_ndb_struct_na_base_pair_step.roll 
_ndb_struct_na_base_pair_step.twist 
_ndb_struct_na_base_pair_step.x_displacement 
_ndb_struct_na_base_pair_step.y_displacement 
_ndb_struct_na_base_pair_step.helical_rise 
_ndb_struct_na_base_pair_step.inclination 
_ndb_struct_na_base_pair_step.tip 
_ndb_struct_na_base_pair_step.helical_twist 
_ndb_struct_na_base_pair_step.step_number 
_ndb_struct_na_base_pair_step.step_name 
_ndb_struct_na_base_pair_step.i_auth_asym_id_1 
_ndb_struct_na_base_pair_step.i_auth_seq_id_1 
_ndb_struct_na_base_pair_step.i_PDB_ins_code_1 
_ndb_struct_na_base_pair_step.j_auth_asym_id_1 
_ndb_struct_na_base_pair_step.j_auth_seq_id_1 
_ndb_struct_na_base_pair_step.j_PDB_ins_code_1 
_ndb_struct_na_base_pair_step.i_auth_asym_id_2 
_ndb_struct_na_base_pair_step.i_auth_seq_id_2 
_ndb_struct_na_base_pair_step.i_PDB_ins_code_2 
_ndb_struct_na_base_pair_step.j_auth_asym_id_2 
_ndb_struct_na_base_pair_step.j_auth_seq_id_2 
_ndb_struct_na_base_pair_step.j_PDB_ins_code_2 
1 A DC 1 1_555 A DG 6 8_665 A DG 2 1_555 A DC 5 8_665 1.220  1.162  7.024 2.266  -2.824 34.855 2.840  -1.297 6.974 -4.698 -3.771 
35.036 1 AA_DC1DG2:DC5DG6_AA A 1 ? A 6 ? A 2 ? A 5 ? 
1 A DG 2 1_555 A DC 5 8_665 A DT 3 1_555 A DA 4 8_665 -1.120 -0.052 3.063 -3.169 -1.644 28.337 0.253  1.582  3.165 -3.341 6.441  
28.557 2 AA_DG2DT3:DA4DC5_AA A 2 ? A 5 ? A 3 ? A 4 ? 
1 A DT 3 1_555 A DA 4 8_665 A DA 4 1_555 A DT 3 8_665 0.000  -0.016 3.312 0.000  7.798  37.731 -1.005 0.000  3.246 11.902 0.000  
38.500 3 AA_DT3DA4:DT3DA4_AA A 3 ? A 4 ? A 4 ? A 3 ? 
1 A DA 4 1_555 A DT 3 8_665 A DC 5 1_555 A DG 2 8_665 1.120  -0.052 3.063 3.169  -1.644 28.337 0.253  -1.582 3.165 -3.341 -6.441 
28.557 4 AA_DA4DC5:DG2DT3_AA A 4 ? A 3 ? A 5 ? A 2 ? 
1 A DC 5 1_555 A DG 2 8_665 A DG 6 1_555 A DC 1 8_665 -1.220 1.162  7.024 -2.266 -2.824 34.855 2.840  1.297  6.974 -4.698 3.771  
35.036 5 AA_DC5DG6:DC1DG2_AA A 5 ? A 2 ? A 6 ? A 1 ? 
# 
_atom_sites.entry_id                    1D11 
_atom_sites.fract_transf_matrix[1][1]   0.00306931 
_atom_sites.fract_transf_matrix[1][2]   0.00142936 
_atom_sites.fract_transf_matrix[1][3]   0.03573395 
_atom_sites.fract_transf_matrix[2][1]   0.00376457 
_atom_sites.fract_transf_matrix[2][2]   -0.03567897 
_atom_sites.fract_transf_matrix[2][3]   0.00110381 
_atom_sites.fract_transf_matrix[3][1]   0.01879353 
_atom_sites.fract_transf_matrix[3][2]   0.00193062 
_atom_sites.fract_transf_matrix[3][3]   -0.00169146 
_atom_sites.fract_transf_vector[1]      0.535461 
_atom_sites.fract_transf_vector[2]      0.508409 
_atom_sites.fract_transf_vector[3]      0.273519 
# 
loop_
_atom_type.symbol 
C  
N  
NA 
O  
P  
# 
loop_
_atom_site.group_PDB 
_atom_site.id 
_atom_site.type_symbol 
_atom_site.label_atom_id 
_atom_site.label_alt_id 
_atom_site.label_comp_id 
_atom_site.label_asym_id 
_atom_site.label_entity_id 
_atom_site.label_seq_id 
_atom_site.pdbx_PDB_ins_code 
_atom_site.Cartn_x 
_atom_site.Cartn_y 
_atom_site.Cartn_z 
_atom_site.occupancy 
_atom_site.B_iso_or_equiv 
_atom_site.pdbx_formal_charge 
_atom_site.auth_seq_id 
_atom_site.auth_comp_id 
_atom_site.auth_asym_id 
_atom_site.auth_atom_id 
_atom_site.pdbx_PDB_model_num 
ATOM   1   O  "O5'" . DC  A 1 1 ? 8.337   -5.310  -6.006  1.00 12.12 ? 1  DC  A "O5'" 1 
ATOM   2   C  "C5'" . DC  A 1 1 ? 9.454   -6.175  -5.786  1.00 10.76 ? 1  DC  A "C5'" 1 
ATOM   3   C  "C4'" . DC  A 1 1 ? 9.956   -6.048  -4.398  1.00 9.53  ? 1  DC  A "C4'" 1 
ATOM   4   O  "O4'" . DC  A 1 1 ? 10.617  -4.757  -4.316  1.00 9.66  ? 1  DC  A "O4'" 1 
ATOM   5   C  "C3'" . DC  A 1 1 ? 8.899   -6.047  -3.263  1.00 10.04 ? 1  DC  A "C3'" 1 
ATOM   6   O  "O3'" . DC  A 1 1 ? 9.430   -6.765  -2.206  1.00 10.58 ? 1  DC  A "O3'" 1 
ATOM   7   C  "C2'" . DC  A 1 1 ? 8.674   -4.524  -2.965  1.00 8.74  ? 1  DC  A "C2'" 1 
ATOM   8   C  "C1'" . DC  A 1 1 ? 10.143  -4.002  -3.236  1.00 8.33  ? 1  DC  A "C1'" 1 
ATOM   9   N  N1    . DC  A 1 1 ? 10.085  -2.578  -3.729  1.00 7.67  ? 1  DC  A N1    1 
ATOM   10  C  C2    . DC  A 1 1 ? 10.187  -1.600  -2.767  1.00 7.34  ? 1  DC  A C2    1 
ATOM   11  O  O2    . DC  A 1 1 ? 10.367  -1.854  -1.573  1.00 7.47  ? 1  DC  A O2    1 
ATOM   12  N  N3    . DC  A 1 1 ? 10.067  -0.325  -3.218  1.00 6.75  ? 1  DC  A N3    1 
ATOM   13  C  C4    . DC  A 1 1 ? 9.861   0.011   -4.527  1.00 7.31  ? 1  DC  A C4    1 
ATOM   14  N  N4    . DC  A 1 1 ? 9.777   1.307   -4.886  1.00 7.42  ? 1  DC  A N4    1 
ATOM   15  C  C5    . DC  A 1 1 ? 9.780   -1.019  -5.466  1.00 7.51  ? 1  DC  A C5    1 
ATOM   16  C  C6    . DC  A 1 1 ? 9.852   -2.284  -5.057  1.00 7.00  ? 1  DC  A C6    1 
ATOM   17  P  P     . DG  A 1 2 ? 8.610   -7.895  -1.466  1.00 12.52 ? 2  DG  A P     1 
ATOM   18  O  OP1   . DG  A 1 2 ? 9.578   -8.438  -0.515  1.00 13.25 ? 2  DG  A OP1   1 
ATOM   19  O  OP2   . DG  A 1 2 ? 7.896   -8.675  -2.427  1.00 13.17 ? 2  DG  A OP2   1 
ATOM   20  O  "O5'" . DG  A 1 2 ? 7.363   -7.176  -0.669  1.00 10.54 ? 2  DG  A "O5'" 1 
ATOM   21  C  "C5'" . DG  A 1 2 ? 7.754   -6.368  0.436   1.00 10.53 ? 2  DG  A "C5'" 1 
ATOM   22  C  "C4'" . DG  A 1 2 ? 6.492   -5.721  0.966   1.00 10.18 ? 2  DG  A "C4'" 1 
ATOM   23  O  "O4'" . DG  A 1 2 ? 6.136   -4.679  0.078   1.00 9.89  ? 2  DG  A "O4'" 1 
ATOM   24  C  "C3'" . DG  A 1 2 ? 5.244   -6.600  0.913   1.00 10.99 ? 2  DG  A "C3'" 1 
ATOM   25  O  "O3'" . DG  A 1 2 ? 4.470   -6.258  2.045   1.00 13.67 ? 2  DG  A "O3'" 1 
ATOM   26  C  "C2'" . DG  A 1 2 ? 4.512   -6.308  -0.384  1.00 10.28 ? 2  DG  A "C2'" 1 
ATOM   27  C  "C1'" . DG  A 1 2 ? 4.762   -4.740  -0.299  1.00 9.10  ? 2  DG  A "C1'" 1 
ATOM   28  N  N9    . DG  A 1 2 ? 4.450   -4.022  -1.462  1.00 8.20  ? 2  DG  A N9    1 
ATOM   29  C  C8    . DG  A 1 2 ? 4.367   -4.389  -2.755  1.00 8.58  ? 2  DG  A C8    1 
ATOM   30  N  N7    . DG  A 1 2 ? 4.024   -3.427  -3.622  1.00 8.74  ? 2  DG  A N7    1 
ATOM   31  C  C5    . DG  A 1 2 ? 3.881   -2.356  -2.779  1.00 7.23  ? 2  DG  A C5    1 
ATOM   32  C  C6    . DG  A 1 2 ? 3.552   -1.025  -3.052  1.00 6.86  ? 2  DG  A C6    1 
ATOM   33  O  O6    . DG  A 1 2 ? 3.265   -0.497  -4.144  1.00 7.28  ? 2  DG  A O6    1 
ATOM   34  N  N1    . DG  A 1 2 ? 3.544   -0.195  -2.022  1.00 6.12  ? 2  DG  A N1    1 
ATOM   35  C  C2    . DG  A 1 2 ? 3.784   -0.601  -0.770  1.00 5.98  ? 2  DG  A C2    1 
ATOM   36  N  N2    . DG  A 1 2 ? 3.764   0.241   0.180   1.00 6.57  ? 2  DG  A N2    1 
ATOM   37  N  N3    . DG  A 1 2 ? 4.118   -1.855  -0.409  1.00 6.67  ? 2  DG  A N3    1 
ATOM   38  C  C4    . DG  A 1 2 ? 4.146   -2.669  -1.490  1.00 6.86  ? 2  DG  A C4    1 
ATOM   39  P  P     . DT  A 1 3 ? 3.467   -7.197  2.891   1.00 15.32 ? 3  DT  A P     1 
ATOM   40  O  OP1   . DT  A 1 3 ? 4.437   -8.036  3.522   1.00 14.75 ? 3  DT  A OP1   1 
ATOM   41  O  OP2   . DT  A 1 3 ? 2.364   -7.656  2.012   1.00 15.70 ? 3  DT  A OP2   1 
ATOM   42  O  "O5'" . DT  A 1 3 ? 2.933   -6.245  4.111   1.00 13.81 ? 3  DT  A "O5'" 1 
ATOM   43  C  "C5'" . DT  A 1 3 ? 3.915   -5.539  4.845   1.00 12.21 ? 3  DT  A "C5'" 1 
ATOM   44  C  "C4'" . DT  A 1 3 ? 3.163   -4.186  4.972   1.00 10.22 ? 3  DT  A "C4'" 1 
ATOM   45  O  "O4'" . DT  A 1 3 ? 3.166   -3.553  3.678   1.00 10.05 ? 3  DT  A "O4'" 1 
ATOM   46  C  "C3'" . DT  A 1 3 ? 1.696   -4.190  5.492   1.00 10.36 ? 3  DT  A "C3'" 1 
ATOM   47  O  "O3'" . DT  A 1 3 ? 1.785   -3.470  6.700   1.00 10.92 ? 3  DT  A "O3'" 1 
ATOM   48  C  "C2'" . DT  A 1 3 ? 0.958   -3.320  4.578   1.00 10.18 ? 3  DT  A "C2'" 1 
ATOM   49  C  "C1'" . DT  A 1 3 ? 1.994   -2.652  3.649   1.00 9.28  ? 3  DT  A "C1'" 1 
ATOM   50  N  N1    . DT  A 1 3 ? 1.599   -2.643  2.206   1.00 8.13  ? 3  DT  A N1    1 
ATOM   51  C  C2    . DT  A 1 3 ? 1.292   -1.402  1.693   1.00 7.67  ? 3  DT  A C2    1 
ATOM   52  O  O2    . DT  A 1 3 ? 1.321   -0.364  2.352   1.00 7.80  ? 3  DT  A O2    1 
ATOM   53  N  N3    . DT  A 1 3 ? 0.900   -1.351  0.381   1.00 7.04  ? 3  DT  A N3    1 
ATOM   54  C  C4    . DT  A 1 3 ? 0.827   -2.436  -0.478  1.00 7.03  ? 3  DT  A C4    1 
ATOM   55  O  O4    . DT  A 1 3 ? 0.476   -2.287  -1.654  1.00 7.66  ? 3  DT  A O4    1 
ATOM   56  C  C5    . DT  A 1 3 ? 1.098   -3.726  0.109   1.00 7.79  ? 3  DT  A C5    1 
ATOM   57  C  C7    . DT  A 1 3 ? 1.021   -4.945  -0.773  1.00 8.45  ? 3  DT  A C7    1 
ATOM   58  C  C6    . DT  A 1 3 ? 1.503   -3.761  1.387   1.00 8.24  ? 3  DT  A C6    1 
ATOM   59  P  P     . DA  A 1 4 ? 0.525   -3.340  7.688   1.00 12.41 ? 4  DA  A P     1 
ATOM   60  O  OP1   . DA  A 1 4 ? 1.144   -2.892  8.888   1.00 12.92 ? 4  DA  A OP1   1 
ATOM   61  O  OP2   . DA  A 1 4 ? -0.308  -4.428  7.460   1.00 11.81 ? 4  DA  A OP2   1 
ATOM   62  O  "O5'" . DA  A 1 4 ? -0.334  -2.068  7.097   1.00 10.57 ? 4  DA  A "O5'" 1 
ATOM   63  C  "C5'" . DA  A 1 4 ? 0.131   -0.818  7.468   1.00 10.39 ? 4  DA  A "C5'" 1 
ATOM   64  C  "C4'" . DA  A 1 4 ? -0.813  0.244   6.880   1.00 9.50  ? 4  DA  A "C4'" 1 
ATOM   65  O  "O4'" . DA  A 1 4 ? -0.895  0.144   5.472   1.00 9.31  ? 4  DA  A "O4'" 1 
ATOM   66  C  "C3'" . DA  A 1 4 ? -2.230  -0.047  7.460   1.00 9.92  ? 4  DA  A "C3'" 1 
ATOM   67  O  "O3'" . DA  A 1 4 ? -2.637  1.229   7.905   1.00 11.83 ? 4  DA  A "O3'" 1 
ATOM   68  C  "C2'" . DA  A 1 4 ? -3.035  -0.679  6.355   1.00 8.37  ? 4  DA  A "C2'" 1 
ATOM   69  C  "C1'" . DA  A 1 4 ? -2.322  0.017   5.174   1.00 8.47  ? 4  DA  A "C1'" 1 
ATOM   70  N  N9    . DA  A 1 4 ? -2.332  -0.755  3.995   1.00 7.84  ? 4  DA  A N9    1 
ATOM   71  C  C8    . DA  A 1 4 ? -2.150  -2.064  3.836   1.00 7.30  ? 4  DA  A C8    1 
ATOM   72  N  N7    . DA  A 1 4 ? -2.215  -2.425  2.579   1.00 7.45  ? 4  DA  A N7    1 
ATOM   73  C  C5    . DA  A 1 4 ? -2.484  -1.272  1.877   1.00 6.73  ? 4  DA  A C5    1 
ATOM   74  C  C6    . DA  A 1 4 ? -2.690  -1.039  0.482   1.00 6.79  ? 4  DA  A C6    1 
ATOM   75  N  N6    . DA  A 1 4 ? -2.663  -2.002  -0.494  1.00 7.69  ? 4  DA  A N6    1 
ATOM   76  N  N1    . DA  A 1 4 ? -2.914  0.224   0.108   1.00 6.67  ? 4  DA  A N1    1 
ATOM   77  C  C2    . DA  A 1 4 ? -2.920  1.152   1.075   1.00 7.47  ? 4  DA  A C2    1 
ATOM   78  N  N3    . DA  A 1 4 ? -2.791  1.060   2.403   1.00 7.39  ? 4  DA  A N3    1 
ATOM   79  C  C4    . DA  A 1 4 ? -2.546  -0.217  2.702   1.00 7.44  ? 4  DA  A C4    1 
ATOM   80  P  P     . DC  A 1 5 ? -3.957  1.367   8.821   1.00 13.31 ? 5  DC  A P     1 
ATOM   81  O  OP1   . DC  A 1 5 ? -3.801  2.650   9.411   1.00 14.20 ? 5  DC  A OP1   1 
ATOM   82  O  OP2   . DC  A 1 5 ? -4.267  0.120   9.476   1.00 13.78 ? 5  DC  A OP2   1 
ATOM   83  O  "O5'" . DC  A 1 5 ? -5.214  1.598   7.746   1.00 13.26 ? 5  DC  A "O5'" 1 
ATOM   84  C  "C5'" . DC  A 1 5 ? -5.112  2.805   6.932   1.00 11.64 ? 5  DC  A "C5'" 1 
ATOM   85  C  "C4'" . DC  A 1 5 ? -6.294  2.661   5.921   1.00 11.58 ? 5  DC  A "C4'" 1 
ATOM   86  O  "O4'" . DC  A 1 5 ? -5.759  1.787   4.877   1.00 10.83 ? 5  DC  A "O4'" 1 
ATOM   87  C  "C3'" . DC  A 1 5 ? -7.553  1.904   6.456   1.00 10.95 ? 5  DC  A "C3'" 1 
ATOM   88  O  "O3'" . DC  A 1 5 ? -8.639  2.574   5.883   1.00 12.05 ? 5  DC  A "O3'" 1 
ATOM   89  C  "C2'" . DC  A 1 5 ? -7.489  0.517   5.863   1.00 10.04 ? 5  DC  A "C2'" 1 
ATOM   90  C  "C1'" . DC  A 1 5 ? -6.720  0.941   4.537   1.00 9.12  ? 5  DC  A "C1'" 1 
ATOM   91  N  N1    . DC  A 1 5 ? -6.245  -0.321  3.858   1.00 8.38  ? 5  DC  A N1    1 
ATOM   92  C  C2    . DC  A 1 5 ? -6.136  -0.161  2.492   1.00 7.67  ? 5  DC  A C2    1 
ATOM   93  O  O2    . DC  A 1 5 ? -6.288  0.895   1.891   1.00 8.22  ? 5  DC  A O2    1 
ATOM   94  N  N3    . DC  A 1 5 ? -5.873  -1.261  1.760   1.00 7.20  ? 5  DC  A N3    1 
ATOM   95  C  C4    . DC  A 1 5 ? -5.639  -2.505  2.354   1.00 7.70  ? 5  DC  A C4    1 
ATOM   96  N  N4    . DC  A 1 5 ? -5.403  -3.546  1.499   1.00 7.47  ? 5  DC  A N4    1 
ATOM   97  C  C5    . DC  A 1 5 ? -5.690  -2.632  3.782   1.00 7.96  ? 5  DC  A C5    1 
ATOM   98  C  C6    . DC  A 1 5 ? -6.034  -1.530  4.497   1.00 7.97  ? 5  DC  A C6    1 
ATOM   99  P  P     . DG  A 1 6 ? -9.563  3.583   6.712   1.00 12.69 ? 6  DG  A P     1 
ATOM   100 O  OP1   . DG  A 1 6 ? -8.756  4.663   7.180   1.00 14.08 ? 6  DG  A OP1   1 
ATOM   101 O  OP2   . DG  A 1 6 ? -10.262 2.632   7.586   1.00 12.55 ? 6  DG  A OP2   1 
ATOM   102 O  "O5'" . DG  A 1 6 ? -10.533 4.293   5.616   1.00 11.03 ? 6  DG  A "O5'" 1 
ATOM   103 C  "C5'" . DG  A 1 6 ? -10.052 5.172   4.649   1.00 9.58  ? 6  DG  A "C5'" 1 
ATOM   104 C  "C4'" . DG  A 1 6 ? -11.195 5.550   3.676   1.00 9.00  ? 6  DG  A "C4'" 1 
ATOM   105 O  "O4'" . DG  A 1 6 ? -11.577 4.458   2.870   1.00 8.21  ? 6  DG  A "O4'" 1 
ATOM   106 C  "C3'" . DG  A 1 6 ? -12.494 5.943   4.446   1.00 8.30  ? 6  DG  A "C3'" 1 
ATOM   107 O  "O3'" . DG  A 1 6 ? -13.046 6.954   3.675   1.00 9.62  ? 6  DG  A "O3'" 1 
ATOM   108 C  "C2'" . DG  A 1 6 ? -13.255 4.684   4.556   1.00 7.57  ? 6  DG  A "C2'" 1 
ATOM   109 C  "C1'" . DG  A 1 6 ? -12.906 3.942   3.233   1.00 6.91  ? 6  DG  A "C1'" 1 
ATOM   110 N  N9    . DG  A 1 6 ? -12.771 2.522   3.355   1.00 6.34  ? 6  DG  A N9    1 
ATOM   111 C  C8    . DG  A 1 6 ? -12.548 1.759   4.424   1.00 6.57  ? 6  DG  A C8    1 
ATOM   112 N  N7    . DG  A 1 6 ? -12.508 0.483   4.180   1.00 7.17  ? 6  DG  A N7    1 
ATOM   113 C  C5    . DG  A 1 6 ? -12.713 0.465   2.809   1.00 6.49  ? 6  DG  A C5    1 
ATOM   114 C  C6    . DG  A 1 6 ? -12.746 -0.657  1.912   1.00 6.45  ? 6  DG  A C6    1 
ATOM   115 O  O6    . DG  A 1 6 ? -12.570 -1.863  2.277   1.00 6.92  ? 6  DG  A O6    1 
ATOM   116 N  N1    . DG  A 1 6 ? -12.929 -0.353  0.609   1.00 6.52  ? 6  DG  A N1    1 
ATOM   117 C  C2    . DG  A 1 6 ? -13.093 0.917   0.181   1.00 6.18  ? 6  DG  A C2    1 
ATOM   118 N  N2    . DG  A 1 6 ? -13.292 1.168   -1.036  1.00 6.39  ? 6  DG  A N2    1 
ATOM   119 N  N3    . DG  A 1 6 ? -13.101 2.021   0.972   1.00 5.96  ? 6  DG  A N3    1 
ATOM   120 C  C4    . DG  A 1 6 ? -12.889 1.668   2.236   1.00 5.99  ? 6  DG  A C4    1 
HETATM 121 C  C1    . DM1 B 2 . ? -8.803  -4.965  1.114   1.00 9.66  ? 7  DM1 A C1    1 
HETATM 122 C  C2    . DM1 B 2 . ? -8.574  -5.633  2.334   1.00 10.52 ? 7  DM1 A C2    1 
HETATM 123 C  C3    . DM1 B 2 . ? -8.597  -4.951  3.557   1.00 10.79 ? 7  DM1 A C3    1 
HETATM 124 C  C4    . DM1 B 2 . ? -8.821  -3.584  3.515   1.00 9.04  ? 7  DM1 A C4    1 
HETATM 125 O  O4    . DM1 B 2 . ? -8.813  -2.926  4.727   1.00 10.59 ? 7  DM1 A O4    1 
HETATM 126 C  C5    . DM1 B 2 . ? -9.021  -2.904  2.314   1.00 7.88  ? 7  DM1 A C5    1 
HETATM 127 C  C6    . DM1 B 2 . ? -9.240  -1.513  2.249   1.00 7.15  ? 7  DM1 A C6    1 
HETATM 128 O  O6    . DM1 B 2 . ? -9.304  -0.753  3.385   1.00 7.70  ? 7  DM1 A O6    1 
HETATM 129 C  C7    . DM1 B 2 . ? -9.418  -0.846  1.015   1.00 6.38  ? 7  DM1 A C7    1 
HETATM 130 C  C8    . DM1 B 2 . ? -9.630  0.552   0.953   1.00 6.09  ? 7  DM1 A C8    1 
HETATM 131 O  O8    . DM1 B 2 . ? -9.588  1.317   2.131   1.00 6.51  ? 7  DM1 A O8    1 
HETATM 132 C  C9    . DM1 B 2 . ? -9.848  1.201   -0.278  1.00 6.04  ? 7  DM1 A C9    1 
HETATM 133 C  C10   . DM1 B 2 . ? -9.986  2.669   -0.240  1.00 7.37  ? 7  DM1 A C10   1 
HETATM 134 O  O10   . DM1 B 2 . ? -8.620  3.078   0.244   1.00 9.19  ? 7  DM1 A O10   1 
HETATM 135 C  C11   . DM1 B 2 . ? -10.297 3.345   -1.575  1.00 7.99  ? 7  DM1 A C11   1 
HETATM 136 C  C12   . DM1 B 2 . ? -9.644  2.544   -2.765  1.00 7.93  ? 7  DM1 A C12   1 
HETATM 137 O  O12   . DM1 B 2 . ? -8.208  2.630   -2.802  1.00 7.15  ? 7  DM1 A O12   1 
HETATM 138 C  C13   . DM1 B 2 . ? -10.059 3.279   -4.053  1.00 9.30  ? 7  DM1 A C13   1 
HETATM 139 O  O13   . DM1 B 2 . ? -11.136 2.861   -4.685  1.00 10.77 ? 7  DM1 A O13   1 
HETATM 140 C  C14   . DM1 B 2 . ? -9.283  4.491   -4.525  1.00 9.75  ? 7  DM1 A C14   1 
HETATM 141 C  C15   . DM1 B 2 . ? -10.053 1.052   -2.766  1.00 6.34  ? 7  DM1 A C15   1 
HETATM 142 C  C16   . DM1 B 2 . ? -9.832  0.459   -1.423  1.00 5.56  ? 7  DM1 A C16   1 
HETATM 143 C  C17   . DM1 B 2 . ? -9.659  -0.942  -1.387  1.00 5.40  ? 7  DM1 A C17   1 
HETATM 144 O  O17   . DM1 B 2 . ? -9.735  -1.569  -2.606  1.00 6.12  ? 7  DM1 A O17   1 
HETATM 145 C  C18   . DM1 B 2 . ? -9.429  -1.601  -0.183  1.00 5.99  ? 7  DM1 A C18   1 
HETATM 146 C  C19   . DM1 B 2 . ? -9.227  -3.012  -0.145  1.00 6.99  ? 7  DM1 A C19   1 
HETATM 147 O  O19   . DM1 B 2 . ? -9.230  -3.752  -1.247  1.00 8.12  ? 7  DM1 A O19   1 
HETATM 148 C  C20   . DM1 B 2 . ? -9.038  -3.605  1.116   1.00 7.72  ? 7  DM1 A C20   1 
HETATM 149 C  C21   . DM1 B 2 . ? -8.438  -3.721  5.954   1.00 11.44 ? 7  DM1 A C21   1 
HETATM 150 C  "C1'" . DM1 B 2 . ? -8.445  4.199   1.126   1.00 10.36 ? 7  DM1 A "C1'" 1 
HETATM 151 C  "C2'" . DM1 B 2 . ? -7.321  3.879   2.102   1.00 10.90 ? 7  DM1 A "C2'" 1 
HETATM 152 C  "C3'" . DM1 B 2 . ? -5.955  4.002   1.386   1.00 12.13 ? 7  DM1 A "C3'" 1 
HETATM 153 N  "N3'" . DM1 B 2 . ? -4.844  3.822   2.330   1.00 12.08 ? 7  DM1 A "N3'" 1 
HETATM 154 C  "C4'" . DM1 B 2 . ? -5.839  5.229   0.441   1.00 12.84 ? 7  DM1 A "C4'" 1 
HETATM 155 O  "O4'" . DM1 B 2 . ? -5.874  6.393   1.371   1.00 13.97 ? 7  DM1 A "O4'" 1 
HETATM 156 C  "C5'" . DM1 B 2 . ? -7.090  5.398   -0.484  1.00 12.67 ? 7  DM1 A "C5'" 1 
HETATM 157 O  "O5'" . DM1 B 2 . ? -8.348  5.377   0.306   1.00 11.52 ? 7  DM1 A "O5'" 1 
HETATM 158 C  "C6'" . DM1 B 2 . ? -7.135  6.670   -1.326  1.00 12.90 ? 7  DM1 A "C6'" 1 
HETATM 159 NA NA    . NA  C 3 . ? 8.420   6.798   -2.582  1.00 27.76 ? 8  NA  A NA    1 
HETATM 160 O  O     . HOH D 4 . ? 7.630   9.050   -0.944  1.00 24.77 ? 9  HOH A O     1 
HETATM 161 O  O     . HOH D 4 . ? 9.846   5.074   -4.648  1.00 21.63 ? 10 HOH A O     1 
HETATM 162 O  O     . HOH D 4 . ? 9.511   8.201   -4.640  1.00 46.45 ? 11 HOH A O     1 
HETATM 163 O  O     . HOH D 4 . ? 10.548  -3.730  0.400   1.00 15.35 ? 12 HOH A O     1 
HETATM 164 O  O     . HOH D 4 . ? 5.576   -2.698  7.349   1.00 18.38 ? 13 HOH A O     1 
HETATM 165 O  O     . HOH D 4 . ? 10.465  1.283   3.895   1.00 19.20 ? 14 HOH A O     1 
HETATM 166 O  O     . HOH D 4 . ? 3.631   -2.085  9.299   1.00 19.63 ? 15 HOH A O     1 
HETATM 167 O  O     . HOH D 4 . ? -0.242  -6.879  2.565   1.00 19.95 ? 16 HOH A O     1 
HETATM 168 O  O     . HOH D 4 . ? 5.168   -7.603  -3.430  1.00 21.53 ? 17 HOH A O     1 
HETATM 169 O  O     . HOH D 4 . ? -0.696  2.312   -6.312  1.00 22.42 ? 18 HOH A O     1 
HETATM 170 O  O     . HOH D 4 . ? 2.213   3.203   -7.115  1.00 22.59 ? 19 HOH A O     1 
HETATM 171 O  O     . HOH D 4 . ? -0.406  2.701   3.414   1.00 23.39 ? 20 HOH A O     1 
HETATM 172 O  O     . HOH D 4 . ? -4.493  5.617   4.442   1.00 23.54 ? 21 HOH A O     1 
HETATM 173 O  O     . HOH D 4 . ? -0.161  6.698   -5.691  1.00 24.22 ? 22 HOH A O     1 
HETATM 174 O  O     . HOH D 4 . ? 0.187   -3.405  -4.118  1.00 25.18 ? 23 HOH A O     1 
HETATM 175 O  O     . HOH D 4 . ? 3.120   8.795   -3.110  1.00 25.81 ? 24 HOH A O     1 
HETATM 176 O  O     . HOH D 4 . ? 3.817   11.231  -7.868  1.00 26.23 ? 25 HOH A O     1 
HETATM 177 O  O     . HOH D 4 . ? -2.811  11.626  -3.582  1.00 26.64 ? 26 HOH A O     1 
HETATM 178 O  O     . HOH D 4 . ? 5.983   -6.668  -6.242  1.00 27.36 ? 27 HOH A O     1 
HETATM 179 O  O     . HOH D 4 . ? 9.356   1.459   -7.755  1.00 28.16 ? 28 HOH A O     1 
HETATM 180 O  O     . HOH D 4 . ? 5.186   7.493   -9.060  1.00 28.19 ? 29 HOH A O     1 
HETATM 181 O  O     . HOH D 4 . ? 2.238   8.246   -5.303  1.00 28.97 ? 30 HOH A O     1 
HETATM 182 O  O     . HOH D 4 . ? 6.671   -7.458  3.879   1.00 29.67 ? 31 HOH A O     1 
HETATM 183 O  O     . HOH D 4 . ? 9.012   -3.441  -8.291  1.00 29.95 ? 32 HOH A O     1 
HETATM 184 O  O     . HOH D 4 . ? 11.605  -1.041  3.112   1.00 30.96 ? 33 HOH A O     1 
HETATM 185 O  O     . HOH D 4 . ? 5.670   9.972   -3.059  1.00 31.79 ? 34 HOH A O     1 
HETATM 186 O  O     . HOH D 4 . ? 1.712   2.255   8.217   1.00 31.96 ? 35 HOH A O     1 
HETATM 187 O  O     . HOH D 4 . ? 5.151   -10.671 0.483   1.00 32.90 ? 36 HOH A O     1 
HETATM 188 O  O     . HOH D 4 . ? 6.093   -1.967  -6.752  1.00 33.12 ? 37 HOH A O     1 
HETATM 189 O  O     . HOH D 4 . ? 12.586  -2.860  -9.768  1.00 34.43 ? 38 HOH A O     1 
HETATM 190 O  O     . HOH D 4 . ? 7.946   1.399   5.955   1.00 35.43 ? 39 HOH A O     1 
HETATM 191 O  O     . HOH D 4 . ? 0.663   -1.354  -5.979  1.00 35.56 ? 40 HOH A O     1 
HETATM 192 O  O     . HOH D 4 . ? 1.862   -8.742  -1.017  1.00 35.95 ? 41 HOH A O     1 
HETATM 193 O  O     . HOH D 4 . ? 4.451   -5.779  -7.802  1.00 37.46 ? 42 HOH A O     1 
HETATM 194 O  O     . HOH D 4 . ? 7.094   5.635   -8.947  1.00 38.09 ? 43 HOH A O     1 
HETATM 195 O  O     . HOH D 4 . ? 3.494   -3.574  -6.268  1.00 39.55 ? 44 HOH A O     1 
HETATM 196 O  O     . HOH D 4 . ? 6.057   4.051   -10.148 1.00 39.95 ? 45 HOH A O     1 
HETATM 197 O  O     . HOH D 4 . ? 10.293  7.569   -7.499  1.00 40.80 ? 46 HOH A O     1 
HETATM 198 O  O     . HOH D 4 . ? 11.791  -6.460  0.610   1.00 40.91 ? 47 HOH A O     1 
HETATM 199 O  O     . HOH D 4 . ? 2.842   0.750   -7.469  1.00 41.38 ? 48 HOH A O     1 
HETATM 200 O  O     . HOH D 4 . ? 10.432  2.102   -11.065 1.00 41.67 ? 49 HOH A O     1 
HETATM 201 O  O     . HOH D 4 . ? 10.003  -3.312  5.987   1.00 41.96 ? 50 HOH A O     1 
HETATM 202 O  O     . HOH D 4 . ? 9.113   4.033   -7.515  1.00 42.50 ? 51 HOH A O     1 
HETATM 203 O  O     . HOH D 4 . ? 0.296   10.749  -4.503  1.00 42.56 ? 52 HOH A O     1 
HETATM 204 O  O     . HOH D 4 . ? 2.791   1.874   -9.580  1.00 43.03 ? 53 HOH A O     1 
HETATM 205 O  O     . HOH D 4 . ? 2.545   0.182   9.550   1.00 43.25 ? 54 HOH A O     1 
HETATM 206 O  O     . HOH D 4 . ? 3.043   12.675  -6.149  1.00 43.42 ? 55 HOH A O     1 
HETATM 207 O  O     . HOH D 4 . ? -8.788  -11.666 29.470  1.00 43.66 ? 56 HOH A O     1 
HETATM 208 O  O     . HOH D 4 . ? -0.738  4.575   8.708   1.00 43.67 ? 57 HOH A O     1 
HETATM 209 O  O     . HOH D 4 . ? 8.608   5.216   -11.190 1.00 43.73 ? 58 HOH A O     1 
HETATM 210 O  O     . HOH D 4 . ? 0.164   1.218   10.735  1.00 43.75 ? 59 HOH A O     1 
HETATM 211 O  O     . HOH D 4 . ? -4.367  14.249  -2.722  1.00 43.93 ? 60 HOH A O     1 
HETATM 212 O  O     . HOH D 4 . ? 0.671   11.160  2.429   1.00 44.79 ? 61 HOH A O     1 
HETATM 213 O  O     . HOH D 4 . ? 8.181   8.581   -6.924  1.00 45.41 ? 62 HOH A O     1 
HETATM 214 O  O     . HOH D 4 . ? 9.748   -1.204  -12.436 1.00 45.66 ? 63 HOH A O     1 
HETATM 215 O  O     . HOH D 4 . ? 3.529   3.614   -10.934 1.00 45.71 ? 64 HOH A O     1 
HETATM 216 O  O     . HOH D 4 . ? 8.339   11.437  -7.277  1.00 45.76 ? 65 HOH A O     1 
HETATM 217 O  O     . HOH D 4 . ? -1.874  5.701   -8.430  1.00 45.95 ? 66 HOH A O     1 
HETATM 218 O  O     . HOH D 4 . ? 1.220   -6.055  -4.189  1.00 46.06 ? 67 HOH A O     1 
HETATM 219 O  O     . HOH D 4 . ? 11.066  2.483   5.994   1.00 46.31 ? 68 HOH A O     1 
HETATM 220 O  O     . HOH D 4 . ? 7.724   0.903   -9.903  1.00 46.39 ? 69 HOH A O     1 
HETATM 221 O  O     . HOH D 4 . ? 6.484   10.327  -5.128  1.00 46.39 ? 70 HOH A O     1 
HETATM 222 O  O     . HOH D 4 . ? 9.341   11.267  -2.804  1.00 46.87 ? 71 HOH A O     1 
HETATM 223 O  O     . HOH D 4 . ? 1.952   5.745   -7.151  1.00 47.34 ? 72 HOH A O     1 
HETATM 224 O  O     . HOH D 4 . ? -1.806  4.387   5.455   1.00 47.79 ? 73 HOH A O     1 
HETATM 225 O  O     . HOH D 4 . ? 4.372   8.973   -7.158  1.00 48.58 ? 74 HOH A O     1 
HETATM 226 O  O     . HOH D 4 . ? 6.692   -10.556 -1.547  1.00 48.89 ? 75 HOH A O     1 
HETATM 227 O  O     . HOH D 4 . ? 7.376   -0.727  6.868   1.00 49.96 ? 76 HOH A O     1 
HETATM 228 O  O     . HOH D 4 . ? 0.030   2.321   -9.865  1.00 50.44 ? 77 HOH A O     1 
HETATM 229 O  O     . HOH D 4 . ? 4.601   1.125   9.878   1.00 50.52 ? 78 HOH A O     1 
HETATM 230 O  O     . HOH D 4 . ? 4.064   0.316   -12.373 1.00 51.03 ? 79 HOH A O     1 
HETATM 231 O  O     . HOH D 4 . ? 7.003   2.472   11.168  1.00 51.86 ? 80 HOH A O     1 
HETATM 232 O  O     . HOH D 4 . ? 10.503  -5.972  3.688   1.00 52.96 ? 81 HOH A O     1 
HETATM 233 O  O     . HOH D 4 . ? 16.776  -9.556  0.362   1.00 53.67 ? 82 HOH A O     1 
HETATM 234 O  O     . HOH D 4 . ? 2.778   -1.783  -13.088 1.00 54.02 ? 83 HOH A O     1 
HETATM 235 O  O     . HOH D 4 . ? -0.278  -0.644  -7.606  1.00 54.43 ? 84 HOH A O     1 
HETATM 236 O  O     . HOH D 4 . ? 6.197   -1.842  -12.143 1.00 55.03 ? 85 HOH A O     1 
HETATM 237 O  O     . HOH D 4 . ? 10.883  -0.338  -9.358  1.00 56.31 ? 86 HOH A O     1 
HETATM 238 O  O     . HOH D 4 . ? 7.711   0.679   -14.697 1.00 56.42 ? 87 HOH A O     1 
HETATM 239 O  O     . HOH D 4 . ? 5.400   1.228   -10.012 1.00 58.13 ? 88 HOH A O     1 
HETATM 240 O  O     . HOH D 4 . ? 8.960   6.259   -8.465  1.00 58.47 ? 89 HOH A O     1 
HETATM 241 O  O     . HOH D 4 . ? 7.709   11.965  -0.846  1.00 61.11 ? 90 HOH A O     1 
HETATM 242 O  O     . HOH D 4 . ? 3.348   -2.152  -10.466 1.00 63.90 ? 91 HOH A O     1 
HETATM 243 O  O     . HOH D 4 . ? 13.773  -8.487  0.622   1.00 66.55 ? 92 HOH A O     1 
# 
